data_2OVC
# 
_entry.id   2OVC 
# 
_audit_conform.dict_name       mmcif_pdbx.dic 
_audit_conform.dict_version    5.387 
_audit_conform.dict_location   http://mmcif.pdb.org/dictionaries/ascii/mmcif_pdbx.dic 
# 
loop_
_database_2.database_id 
_database_2.database_code 
_database_2.pdbx_database_accession 
_database_2.pdbx_DOI 
PDB   2OVC         pdb_00002ovc 10.2210/pdb2ovc/pdb 
RCSB  RCSB041631   ?            ?                   
WWPDB D_1000041631 ?            ?                   
# 
loop_
_pdbx_audit_revision_history.ordinal 
_pdbx_audit_revision_history.data_content_type 
_pdbx_audit_revision_history.major_revision 
_pdbx_audit_revision_history.minor_revision 
_pdbx_audit_revision_history.revision_date 
1 'Structure model' 1 0 2007-03-13 
2 'Structure model' 1 1 2008-05-01 
3 'Structure model' 1 2 2011-07-13 
4 'Structure model' 1 3 2017-10-18 
5 'Structure model' 1 4 2019-07-24 
6 'Structure model' 1 5 2024-02-21 
# 
_pdbx_audit_revision_details.ordinal             1 
_pdbx_audit_revision_details.revision_ordinal    1 
_pdbx_audit_revision_details.data_content_type   'Structure model' 
_pdbx_audit_revision_details.provider            repository 
_pdbx_audit_revision_details.type                'Initial release' 
_pdbx_audit_revision_details.description         ? 
_pdbx_audit_revision_details.details             ? 
# 
loop_
_pdbx_audit_revision_group.ordinal 
_pdbx_audit_revision_group.revision_ordinal 
_pdbx_audit_revision_group.data_content_type 
_pdbx_audit_revision_group.group 
1 2 'Structure model' 'Version format compliance' 
2 3 'Structure model' 'Derived calculations'      
3 3 'Structure model' 'Version format compliance' 
4 4 'Structure model' 'Refinement description'    
5 5 'Structure model' 'Data collection'           
6 5 'Structure model' 'Refinement description'    
7 6 'Structure model' 'Data collection'           
8 6 'Structure model' 'Database references'       
# 
loop_
_pdbx_audit_revision_category.ordinal 
_pdbx_audit_revision_category.revision_ordinal 
_pdbx_audit_revision_category.data_content_type 
_pdbx_audit_revision_category.category 
1 4 'Structure model' software           
2 5 'Structure model' software           
3 6 'Structure model' chem_comp_atom     
4 6 'Structure model' chem_comp_bond     
5 6 'Structure model' database_2         
6 6 'Structure model' struct_ref_seq_dif 
# 
loop_
_pdbx_audit_revision_item.ordinal 
_pdbx_audit_revision_item.revision_ordinal 
_pdbx_audit_revision_item.data_content_type 
_pdbx_audit_revision_item.item 
1  5 'Structure model' '_software.classification'            
2  5 'Structure model' '_software.contact_author'            
3  5 'Structure model' '_software.contact_author_email'      
4  5 'Structure model' '_software.language'                  
5  5 'Structure model' '_software.location'                  
6  5 'Structure model' '_software.name'                      
7  5 'Structure model' '_software.type'                      
8  6 'Structure model' '_database_2.pdbx_DOI'                
9  6 'Structure model' '_database_2.pdbx_database_accession' 
10 6 'Structure model' '_struct_ref_seq_dif.details'         
# 
_pdbx_database_status.entry_id                        2OVC 
_pdbx_database_status.deposit_site                    RCSB 
_pdbx_database_status.process_site                    RCSB 
_pdbx_database_status.recvd_initial_deposition_date   2007-02-13 
_pdbx_database_status.status_code                     REL 
_pdbx_database_status.status_code_sf                  REL 
_pdbx_database_status.status_code_mr                  ? 
_pdbx_database_status.SG_entry                        ? 
_pdbx_database_status.pdb_format_compatible           Y 
_pdbx_database_status.status_code_cs                  ? 
_pdbx_database_status.methods_development_category    ? 
_pdbx_database_status.status_code_nmr_data            ? 
# 
loop_
_audit_author.name 
_audit_author.pdbx_ordinal 
'Howard, R.J.' 1 
'Clark, K.A.'  2 
'Holton, J.M.' 3 
'Minor, D.L.'  4 
# 
_citation.id                        primary 
_citation.title                     'Structural Insight into KCNQ (Kv7) Channel Assembly and Channelopathy.' 
_citation.journal_abbrev            Neuron 
_citation.journal_volume            53 
_citation.page_first                663 
_citation.page_last                 675 
_citation.year                      2007 
_citation.journal_id_ASTM           NERNET 
_citation.country                   US 
_citation.journal_id_ISSN           0896-6273 
_citation.journal_id_CSD            2038 
_citation.book_publisher            ? 
_citation.pdbx_database_id_PubMed   17329207 
_citation.pdbx_database_id_DOI      10.1016/j.neuron.2007.02.010 
# 
loop_
_citation_author.citation_id 
_citation_author.name 
_citation_author.ordinal 
_citation_author.identifier_ORCID 
primary 'Howard, R.J.' 1 ? 
primary 'Clark, K.A.'  2 ? 
primary 'Holton, J.M.' 3 ? 
primary 'Minor, D.L.'  4 ? 
# 
loop_
_entity.id 
_entity.type 
_entity.src_method 
_entity.pdbx_description 
_entity.formula_weight 
_entity.pdbx_number_of_molecules 
_entity.pdbx_ec 
_entity.pdbx_mutation 
_entity.pdbx_fragment 
_entity.details 
1 polymer man 'Potassium voltage-gated channel subfamily KQT member 4' 3738.399 1  ? ? 
'coiled-coil assembly domain, residues 611-640' ? 
2 water   nat water                                                    18.015   18 ? ? ? ? 
# 
_entity_name_com.entity_id   1 
_entity_name_com.name        'Voltage-gated potassium channel subunit Kv7.4, Potassium channel subunit alpha KvLQT4, KQT-like 4' 
# 
_entity_poly.entity_id                      1 
_entity_poly.type                           'polypeptide(L)' 
_entity_poly.nstd_linkage                   no 
_entity_poly.nstd_monomer                   no 
_entity_poly.pdbx_seq_one_letter_code       GAVDEISMMGRVVKVEKQVQSIEHKLDLLLGFY 
_entity_poly.pdbx_seq_one_letter_code_can   GAVDEISMMGRVVKVEKQVQSIEHKLDLLLGFY 
_entity_poly.pdbx_strand_id                 A 
_entity_poly.pdbx_target_identifier         ? 
# 
_pdbx_entity_nonpoly.entity_id   2 
_pdbx_entity_nonpoly.name        water 
_pdbx_entity_nonpoly.comp_id     HOH 
# 
loop_
_entity_poly_seq.entity_id 
_entity_poly_seq.num 
_entity_poly_seq.mon_id 
_entity_poly_seq.hetero 
1 1  GLY n 
1 2  ALA n 
1 3  VAL n 
1 4  ASP n 
1 5  GLU n 
1 6  ILE n 
1 7  SER n 
1 8  MET n 
1 9  MET n 
1 10 GLY n 
1 11 ARG n 
1 12 VAL n 
1 13 VAL n 
1 14 LYS n 
1 15 VAL n 
1 16 GLU n 
1 17 LYS n 
1 18 GLN n 
1 19 VAL n 
1 20 GLN n 
1 21 SER n 
1 22 ILE n 
1 23 GLU n 
1 24 HIS n 
1 25 LYS n 
1 26 LEU n 
1 27 ASP n 
1 28 LEU n 
1 29 LEU n 
1 30 LEU n 
1 31 GLY n 
1 32 PHE n 
1 33 TYR n 
# 
_entity_src_gen.entity_id                          1 
_entity_src_gen.pdbx_src_id                        1 
_entity_src_gen.pdbx_alt_source_flag               sample 
_entity_src_gen.pdbx_seq_type                      ? 
_entity_src_gen.pdbx_beg_seq_num                   ? 
_entity_src_gen.pdbx_end_seq_num                   ? 
_entity_src_gen.gene_src_common_name               human 
_entity_src_gen.gene_src_genus                     Homo 
_entity_src_gen.pdbx_gene_src_gene                 KCNQ4 
_entity_src_gen.gene_src_species                   ? 
_entity_src_gen.gene_src_strain                    ? 
_entity_src_gen.gene_src_tissue                    ? 
_entity_src_gen.gene_src_tissue_fraction           ? 
_entity_src_gen.gene_src_details                   ? 
_entity_src_gen.pdbx_gene_src_fragment             ? 
_entity_src_gen.pdbx_gene_src_scientific_name      'Homo sapiens' 
_entity_src_gen.pdbx_gene_src_ncbi_taxonomy_id     9606 
_entity_src_gen.pdbx_gene_src_variant              ? 
_entity_src_gen.pdbx_gene_src_cell_line            ? 
_entity_src_gen.pdbx_gene_src_atcc                 ? 
_entity_src_gen.pdbx_gene_src_organ                ? 
_entity_src_gen.pdbx_gene_src_organelle            ? 
_entity_src_gen.pdbx_gene_src_cell                 ? 
_entity_src_gen.pdbx_gene_src_cellular_location    ? 
_entity_src_gen.host_org_common_name               ? 
_entity_src_gen.pdbx_host_org_scientific_name      'Escherichia coli' 
_entity_src_gen.pdbx_host_org_ncbi_taxonomy_id     562 
_entity_src_gen.host_org_genus                     Escherichia 
_entity_src_gen.pdbx_host_org_gene                 ? 
_entity_src_gen.pdbx_host_org_organ                ? 
_entity_src_gen.host_org_species                   ? 
_entity_src_gen.pdbx_host_org_tissue               ? 
_entity_src_gen.pdbx_host_org_tissue_fraction      ? 
_entity_src_gen.pdbx_host_org_strain               'BL21(DE3)pLysS' 
_entity_src_gen.pdbx_host_org_variant              ? 
_entity_src_gen.pdbx_host_org_cell_line            ? 
_entity_src_gen.pdbx_host_org_atcc                 ? 
_entity_src_gen.pdbx_host_org_culture_collection   ? 
_entity_src_gen.pdbx_host_org_cell                 ? 
_entity_src_gen.pdbx_host_org_organelle            ? 
_entity_src_gen.pdbx_host_org_cellular_location    ? 
_entity_src_gen.pdbx_host_org_vector_type          plasmid 
_entity_src_gen.pdbx_host_org_vector               ? 
_entity_src_gen.host_org_details                   ? 
_entity_src_gen.expression_system_id               ? 
_entity_src_gen.plasmid_name                       pSV272 
_entity_src_gen.plasmid_details                    ? 
_entity_src_gen.pdbx_description                   ? 
# 
loop_
_chem_comp.id 
_chem_comp.type 
_chem_comp.mon_nstd_flag 
_chem_comp.name 
_chem_comp.pdbx_synonyms 
_chem_comp.formula 
_chem_comp.formula_weight 
ALA 'L-peptide linking' y ALANINE         ? 'C3 H7 N O2'     89.093  
ARG 'L-peptide linking' y ARGININE        ? 'C6 H15 N4 O2 1' 175.209 
ASP 'L-peptide linking' y 'ASPARTIC ACID' ? 'C4 H7 N O4'     133.103 
GLN 'L-peptide linking' y GLUTAMINE       ? 'C5 H10 N2 O3'   146.144 
GLU 'L-peptide linking' y 'GLUTAMIC ACID' ? 'C5 H9 N O4'     147.129 
GLY 'peptide linking'   y GLYCINE         ? 'C2 H5 N O2'     75.067  
HIS 'L-peptide linking' y HISTIDINE       ? 'C6 H10 N3 O2 1' 156.162 
HOH non-polymer         . WATER           ? 'H2 O'           18.015  
ILE 'L-peptide linking' y ISOLEUCINE      ? 'C6 H13 N O2'    131.173 
LEU 'L-peptide linking' y LEUCINE         ? 'C6 H13 N O2'    131.173 
LYS 'L-peptide linking' y LYSINE          ? 'C6 H15 N2 O2 1' 147.195 
MET 'L-peptide linking' y METHIONINE      ? 'C5 H11 N O2 S'  149.211 
PHE 'L-peptide linking' y PHENYLALANINE   ? 'C9 H11 N O2'    165.189 
SER 'L-peptide linking' y SERINE          ? 'C3 H7 N O3'     105.093 
TYR 'L-peptide linking' y TYROSINE        ? 'C9 H11 N O3'    181.189 
VAL 'L-peptide linking' y VALINE          ? 'C5 H11 N O2'    117.146 
# 
loop_
_pdbx_poly_seq_scheme.asym_id 
_pdbx_poly_seq_scheme.entity_id 
_pdbx_poly_seq_scheme.seq_id 
_pdbx_poly_seq_scheme.mon_id 
_pdbx_poly_seq_scheme.ndb_seq_num 
_pdbx_poly_seq_scheme.pdb_seq_num 
_pdbx_poly_seq_scheme.auth_seq_num 
_pdbx_poly_seq_scheme.pdb_mon_id 
_pdbx_poly_seq_scheme.auth_mon_id 
_pdbx_poly_seq_scheme.pdb_strand_id 
_pdbx_poly_seq_scheme.pdb_ins_code 
_pdbx_poly_seq_scheme.hetero 
A 1 1  GLY 1  1  ?  ?   ?   A . n 
A 1 2  ALA 2  2  ?  ?   ?   A . n 
A 1 3  VAL 3  3  ?  ?   ?   A . n 
A 1 4  ASP 4  4  4  ASP ASP A . n 
A 1 5  GLU 5  5  5  GLU GLU A . n 
A 1 6  ILE 6  6  6  ILE ILE A . n 
A 1 7  SER 7  7  7  SER SER A . n 
A 1 8  MET 8  8  8  MET MET A . n 
A 1 9  MET 9  9  9  MET MET A . n 
A 1 10 GLY 10 10 10 GLY GLY A . n 
A 1 11 ARG 11 11 11 ARG ARG A . n 
A 1 12 VAL 12 12 12 VAL VAL A . n 
A 1 13 VAL 13 13 13 VAL VAL A . n 
A 1 14 LYS 14 14 14 LYS LYS A . n 
A 1 15 VAL 15 15 15 VAL VAL A . n 
A 1 16 GLU 16 16 16 GLU GLU A . n 
A 1 17 LYS 17 17 17 LYS LYS A . n 
A 1 18 GLN 18 18 18 GLN GLN A . n 
A 1 19 VAL 19 19 19 VAL VAL A . n 
A 1 20 GLN 20 20 20 GLN GLN A . n 
A 1 21 SER 21 21 21 SER SER A . n 
A 1 22 ILE 22 22 22 ILE ILE A . n 
A 1 23 GLU 23 23 23 GLU GLU A . n 
A 1 24 HIS 24 24 24 HIS HIS A . n 
A 1 25 LYS 25 25 25 LYS LYS A . n 
A 1 26 LEU 26 26 26 LEU LEU A . n 
A 1 27 ASP 27 27 27 ASP ASP A . n 
A 1 28 LEU 28 28 28 LEU LEU A . n 
A 1 29 LEU 29 29 29 LEU LEU A . n 
A 1 30 LEU 30 30 30 LEU LEU A . n 
A 1 31 GLY 31 31 31 GLY GLY A . n 
A 1 32 PHE 32 32 32 PHE PHE A . n 
A 1 33 TYR 33 33 33 TYR TYR A . n 
# 
loop_
_pdbx_nonpoly_scheme.asym_id 
_pdbx_nonpoly_scheme.entity_id 
_pdbx_nonpoly_scheme.mon_id 
_pdbx_nonpoly_scheme.ndb_seq_num 
_pdbx_nonpoly_scheme.pdb_seq_num 
_pdbx_nonpoly_scheme.auth_seq_num 
_pdbx_nonpoly_scheme.pdb_mon_id 
_pdbx_nonpoly_scheme.auth_mon_id 
_pdbx_nonpoly_scheme.pdb_strand_id 
_pdbx_nonpoly_scheme.pdb_ins_code 
B 2 HOH 1  34 1  HOH HOH A . 
B 2 HOH 2  35 2  HOH HOH A . 
B 2 HOH 3  36 3  HOH HOH A . 
B 2 HOH 4  37 4  HOH HOH A . 
B 2 HOH 5  38 5  HOH HOH A . 
B 2 HOH 6  39 6  HOH HOH A . 
B 2 HOH 7  40 7  HOH HOH A . 
B 2 HOH 8  41 8  HOH HOH A . 
B 2 HOH 9  42 9  HOH HOH A . 
B 2 HOH 10 43 10 HOH HOH A . 
B 2 HOH 11 44 11 HOH HOH A . 
B 2 HOH 12 45 12 HOH HOH A . 
B 2 HOH 13 46 13 HOH HOH A . 
B 2 HOH 14 47 14 HOH HOH A . 
B 2 HOH 15 48 15 HOH HOH A . 
B 2 HOH 16 49 16 HOH HOH A . 
B 2 HOH 17 50 17 HOH HOH A . 
B 2 HOH 18 51 18 HOH HOH A . 
# 
loop_
_software.name 
_software.version 
_software.date 
_software.type 
_software.contact_author 
_software.contact_author_email 
_software.classification 
_software.location 
_software.language 
_software.citation_id 
_software.pdbx_ordinal 
REFMAC      .       ?                program 'Murshudov, G.N.'    ccp4@dl.ac.uk            refinement        
http://www.ccp4.ac.uk/main.html                  Fortran_77 ? 1 
SCALEPACK   .       ?                package 'Zbyszek Otwinowski' zbyszek@mix.swmed.edu    'data scaling'    
http://www.lnls.br/infra/linhasluz/denzo-hkl.htm ?          ? 2 
CNS         .       ?                package 'Axel T. Brunger'    axel.brunger@yale.edu    refinement        
http://cns.csb.yale.edu/v1.1/                    Fortran_77 ? 3 
DENZO       .       ?                package 'Zbyszek Otwinowski' zbyszek@mix.swmed.edu    'data reduction'  
http://www.lnls.br/infra/linhasluz/denzo-hkl.htm ?          ? 4 
PDB_EXTRACT 2.000   'April. 3, 2006' package PDB                  sw-help@rcsb.rutgers.edu 'data extraction' 
http://pdb.rutgers.edu/software/                 C++        ? 5 
ADSC        QUANTUM ?                ?       ?                    ?                        'data collection' ? ?          ? 6 
HKL-2000    .       ?                ?       ?                    ?                        'data reduction'  ? ?          ? 7 
HKL-2000    .       ?                ?       ?                    ?                        'data scaling'    ? ?          ? 8 
CNS         .       ?                ?       ?                    ?                        phasing           ? ?          ? 9 
# 
_cell.length_a           33.185 
_cell.length_b           33.185 
_cell.length_c           55.283 
_cell.angle_alpha        90.000 
_cell.angle_beta         90.000 
_cell.angle_gamma        90.000 
_cell.entry_id           2OVC 
_cell.pdbx_unique_axis   ? 
_cell.Z_PDB              8 
_cell.length_a_esd       ? 
_cell.length_b_esd       ? 
_cell.length_c_esd       ? 
_cell.angle_alpha_esd    ? 
_cell.angle_beta_esd     ? 
_cell.angle_gamma_esd    ? 
# 
_symmetry.space_group_name_H-M             'I 4' 
_symmetry.entry_id                         2OVC 
_symmetry.Int_Tables_number                79 
_symmetry.pdbx_full_space_group_name_H-M   ? 
_symmetry.cell_setting                     ? 
_symmetry.space_group_name_Hall            ? 
# 
_exptl.crystals_number   1 
_exptl.entry_id          2OVC 
_exptl.method            'X-RAY DIFFRACTION' 
# 
_exptl_crystal.id                    1 
_exptl_crystal.density_meas          ? 
_exptl_crystal.density_Matthews      2.17 
_exptl_crystal.density_percent_sol   43.25 
_exptl_crystal.description           ? 
_exptl_crystal.F_000                 ? 
_exptl_crystal.preparation           ? 
# 
_exptl_crystal_grow.crystal_id      1 
_exptl_crystal_grow.method          'VAPOR DIFFUSION, HANGING DROP' 
_exptl_crystal_grow.pH              5.5 
_exptl_crystal_grow.temp            289 
_exptl_crystal_grow.pdbx_details    
'45% MPD, 0.2M ammonium acetate, 0.1M Bis-Tris, pH 5.5, vapor diffusion, hanging drop, temperature 289K' 
_exptl_crystal_grow.temp_details    ? 
_exptl_crystal_grow.pdbx_pH_range   . 
# 
loop_
_diffrn.id 
_diffrn.ambient_temp 
_diffrn.ambient_temp_details 
_diffrn.crystal_id 
1 100 ? 1 
2 ?   ? 1 
# 
_diffrn_detector.diffrn_id              1 
_diffrn_detector.detector               CCD 
_diffrn_detector.type                   'ADSC QUANTUM 210' 
_diffrn_detector.pdbx_collection_date   2005-05-20 
_diffrn_detector.details                'Double Crystal' 
# 
_diffrn_radiation.diffrn_id                        1 
_diffrn_radiation.pdbx_diffrn_protocol             'SINGLE WAVELENGTH' 
_diffrn_radiation.monochromator                    'Double Crystal' 
_diffrn_radiation.wavelength_id                    1 
_diffrn_radiation.pdbx_monochromatic_or_laue_m_l   ? 
_diffrn_radiation.pdbx_scattering_type             x-ray 
# 
_diffrn_radiation_wavelength.id           1 
_diffrn_radiation_wavelength.wavelength   1.116 
_diffrn_radiation_wavelength.wt           1.0 
# 
loop_
_diffrn_source.diffrn_id 
_diffrn_source.source 
_diffrn_source.type 
_diffrn_source.pdbx_wavelength_list 
_diffrn_source.pdbx_wavelength 
_diffrn_source.pdbx_synchrotron_site 
_diffrn_source.pdbx_synchrotron_beamline 
1 SYNCHROTRON 'ALS BEAMLINE 8.3.1' 1.116 ? ALS 8.3.1 
2 ?           ?                    ?     ? ?   ?     
# 
_reflns.entry_id                     2OVC 
_reflns.d_resolution_high            2.070 
_reflns.d_resolution_low             28.46 
_reflns.number_obs                   1841 
_reflns.pdbx_Rmerge_I_obs            0.053 
_reflns.pdbx_netI_over_sigmaI        15.300 
_reflns.pdbx_chi_squared             0.913 
_reflns.pdbx_redundancy              7.300 
_reflns.percent_possible_obs         99.600 
_reflns.observed_criterion_sigma_F   ? 
_reflns.observed_criterion_sigma_I   ? 
_reflns.number_all                   ? 
_reflns.pdbx_Rsym_value              ? 
_reflns.B_iso_Wilson_estimate        ? 
_reflns.R_free_details               ? 
_reflns.limit_h_max                  ? 
_reflns.limit_h_min                  ? 
_reflns.limit_k_max                  ? 
_reflns.limit_k_min                  ? 
_reflns.limit_l_max                  ? 
_reflns.limit_l_min                  ? 
_reflns.observed_criterion_F_max     ? 
_reflns.observed_criterion_F_min     ? 
_reflns.pdbx_scaling_rejects         ? 
_reflns.pdbx_ordinal                 1 
_reflns.pdbx_diffrn_id               1 
# 
loop_
_reflns_shell.d_res_high 
_reflns_shell.d_res_low 
_reflns_shell.number_measured_obs 
_reflns_shell.number_measured_all 
_reflns_shell.number_unique_obs 
_reflns_shell.Rmerge_I_obs 
_reflns_shell.meanI_over_sigI_obs 
_reflns_shell.pdbx_Rsym_value 
_reflns_shell.pdbx_chi_squared 
_reflns_shell.pdbx_redundancy 
_reflns_shell.percent_possible_obs 
_reflns_shell.number_unique_all 
_reflns_shell.percent_possible_all 
_reflns_shell.pdbx_ordinal 
_reflns_shell.pdbx_diffrn_id 
2.07 2.14  ? ? ? 0.096 ? ? 0.504 6.10 ? 194 100.00 1  1 
2.14 2.23  ? ? ? 0.091 ? ? 0.516 7.00 ? 184 100.00 2  1 
2.23 2.33  ? ? ? 0.092 ? ? 0.597 7.40 ? 169 100.00 3  1 
2.33 2.45  ? ? ? 0.075 ? ? 0.668 7.60 ? 195 100.00 4  1 
2.45 2.61  ? ? ? 0.065 ? ? 0.817 7.40 ? 176 100.00 5  1 
2.61 2.81  ? ? ? 0.064 ? ? 0.961 7.60 ? 188 100.00 6  1 
2.81 3.09  ? ? ? 0.055 ? ? 1.142 7.50 ? 177 100.00 7  1 
3.09 3.54  ? ? ? 0.056 ? ? 1.515 7.50 ? 187 100.00 8  1 
3.54 4.46  ? ? ? 0.04  ? ? 1.088 7.50 ? 185 100.00 9  1 
4.46 50.00 ? ? ? 0.043 ? ? 1.225 7.10 ? 186 95.90  10 1 
# 
_refine.entry_id                                 2OVC 
_refine.ls_d_res_high                            2.070 
_refine.ls_d_res_low                             28.460 
_refine.pdbx_ls_sigma_F                          0.00 
_refine.ls_percent_reflns_obs                    99.250 
_refine.ls_number_reflns_obs                     1841 
_refine.pdbx_ls_cross_valid_method               THROUGHOUT 
_refine.pdbx_R_Free_selection_details            RANDOM 
_refine.details                                  'HYDROGENS HAVE BEEN ADDED IN THE RIDING POSITIONS' 
_refine.ls_R_factor_obs                          0.197 
_refine.ls_R_factor_R_work                       0.196 
_refine.ls_R_factor_R_free                       0.224 
_refine.ls_percent_reflns_R_free                 4.400 
_refine.ls_number_reflns_R_free                  81 
_refine.B_iso_mean                               22.128 
_refine.aniso_B[1][1]                            -0.240 
_refine.aniso_B[2][2]                            -0.240 
_refine.aniso_B[3][3]                            0.480 
_refine.aniso_B[1][2]                            0.000 
_refine.aniso_B[1][3]                            0.000 
_refine.aniso_B[2][3]                            0.000 
_refine.correlation_coeff_Fo_to_Fc               0.943 
_refine.correlation_coeff_Fo_to_Fc_free          0.937 
_refine.pdbx_overall_ESU_R                       0.257 
_refine.pdbx_overall_ESU_R_Free                  0.184 
_refine.overall_SU_ML                            0.175 
_refine.overall_SU_B                             7.183 
_refine.solvent_model_details                    MASK 
_refine.pdbx_solvent_vdw_probe_radii             1.200 
_refine.pdbx_solvent_ion_probe_radii             0.800 
_refine.pdbx_solvent_shrinkage_radii             0.800 
_refine.pdbx_stereochemistry_target_values       'MAXIMUM LIKELIHOOD' 
_refine.pdbx_ls_sigma_I                          ? 
_refine.ls_number_reflns_all                     ? 
_refine.ls_R_factor_all                          ? 
_refine.ls_redundancy_reflns_obs                 ? 
_refine.pdbx_data_cutoff_high_absF               ? 
_refine.pdbx_data_cutoff_low_absF                ? 
_refine.ls_number_parameters                     ? 
_refine.ls_number_restraints                     ? 
_refine.ls_R_factor_R_free_error                 ? 
_refine.ls_R_factor_R_free_error_details         ? 
_refine.pdbx_method_to_determine_struct          'MOLECULAR REPLACEMENT' 
_refine.pdbx_starting_model                      ? 
_refine.pdbx_stereochem_target_val_spec_case     ? 
_refine.solvent_model_param_bsol                 ? 
_refine.solvent_model_param_ksol                 ? 
_refine.occupancy_max                            ? 
_refine.occupancy_min                            ? 
_refine.pdbx_isotropic_thermal_model             ? 
_refine.B_iso_min                                ? 
_refine.B_iso_max                                ? 
_refine.overall_SU_R_Cruickshank_DPI             ? 
_refine.overall_SU_R_free                        ? 
_refine.pdbx_data_cutoff_high_rms_absF           ? 
_refine.ls_wR_factor_R_free                      ? 
_refine.ls_wR_factor_R_work                      ? 
_refine.overall_FOM_free_R_set                   ? 
_refine.overall_FOM_work_R_set                   ? 
_refine.pdbx_refine_id                           'X-RAY DIFFRACTION' 
_refine.pdbx_diffrn_id                           1 
_refine.pdbx_TLS_residual_ADP_flag               ? 
_refine.pdbx_overall_phase_error                 ? 
_refine.pdbx_overall_SU_R_free_Cruickshank_DPI   ? 
_refine.pdbx_overall_SU_R_Blow_DPI               ? 
_refine.pdbx_overall_SU_R_free_Blow_DPI          ? 
# 
_refine_hist.pdbx_refine_id                   'X-RAY DIFFRACTION' 
_refine_hist.cycle_id                         LAST 
_refine_hist.pdbx_number_atoms_protein        245 
_refine_hist.pdbx_number_atoms_nucleic_acid   0 
_refine_hist.pdbx_number_atoms_ligand         0 
_refine_hist.number_atoms_solvent             18 
_refine_hist.number_atoms_total               263 
_refine_hist.d_res_high                       2.070 
_refine_hist.d_res_low                        28.460 
# 
loop_
_refine_ls_restr.type 
_refine_ls_restr.number 
_refine_ls_restr.dev_ideal 
_refine_ls_restr.dev_ideal_target 
_refine_ls_restr.weight 
_refine_ls_restr.pdbx_refine_id 
_refine_ls_restr.pdbx_restraint_function 
r_bond_refined_d         251 0.014  0.022  ? 'X-RAY DIFFRACTION' ? 
r_angle_refined_deg      334 1.586  2.005  ? 'X-RAY DIFFRACTION' ? 
r_dihedral_angle_1_deg   29  5.170  5.000  ? 'X-RAY DIFFRACTION' ? 
r_dihedral_angle_2_deg   11  48.328 25.455 ? 'X-RAY DIFFRACTION' ? 
r_dihedral_angle_3_deg   57  18.303 15.000 ? 'X-RAY DIFFRACTION' ? 
r_dihedral_angle_4_deg   1   2.443  15.000 ? 'X-RAY DIFFRACTION' ? 
r_chiral_restr           39  0.100  0.200  ? 'X-RAY DIFFRACTION' ? 
r_gen_planes_refined     174 0.004  0.020  ? 'X-RAY DIFFRACTION' ? 
r_nbd_refined            93  0.224  0.200  ? 'X-RAY DIFFRACTION' ? 
r_nbtor_refined          175 0.304  0.200  ? 'X-RAY DIFFRACTION' ? 
r_xyhbond_nbd_refined    4   0.256  0.200  ? 'X-RAY DIFFRACTION' ? 
r_symmetry_vdw_refined   28  0.215  0.200  ? 'X-RAY DIFFRACTION' ? 
r_symmetry_hbond_refined 9   0.195  0.200  ? 'X-RAY DIFFRACTION' ? 
r_mcbond_it              155 0.854  1.500  ? 'X-RAY DIFFRACTION' ? 
r_mcangle_it             242 1.513  2.000  ? 'X-RAY DIFFRACTION' ? 
r_scbond_it              107 2.565  3.000  ? 'X-RAY DIFFRACTION' ? 
r_scangle_it             92  4.569  4.500  ? 'X-RAY DIFFRACTION' ? 
# 
_refine_ls_shell.d_res_high                       2.074 
_refine_ls_shell.d_res_low                        2.128 
_refine_ls_shell.pdbx_total_number_of_bins_used   20 
_refine_ls_shell.percent_reflns_obs               95.950 
_refine_ls_shell.number_reflns_R_work             138 
_refine_ls_shell.R_factor_all                     ? 
_refine_ls_shell.R_factor_R_work                  0.261 
_refine_ls_shell.R_factor_R_free                  0.185 
_refine_ls_shell.percent_reflns_R_free            ? 
_refine_ls_shell.number_reflns_R_free             4 
_refine_ls_shell.R_factor_R_free_error            ? 
_refine_ls_shell.number_reflns_all                ? 
_refine_ls_shell.number_reflns_obs                142 
_refine_ls_shell.redundancy_reflns_obs            ? 
_refine_ls_shell.pdbx_refine_id                   'X-RAY DIFFRACTION' 
# 
_struct.entry_id                  2OVC 
_struct.title                     'Crystal structure of a coiled-coil tetramerization domain from Kv7.4 channels' 
_struct.pdbx_model_details        ? 
_struct.pdbx_CASP_flag            ? 
_struct.pdbx_model_type_details   ? 
# 
_struct_keywords.entry_id        2OVC 
_struct_keywords.text            
'Voltage-gated channel, Potassium channel, Ion channel assembly, Coiled-coil, Tetramer, TRANSPORT PROTEIN' 
_struct_keywords.pdbx_keywords   'TRANSPORT PROTEIN' 
# 
loop_
_struct_asym.id 
_struct_asym.pdbx_blank_PDB_chainid_flag 
_struct_asym.pdbx_modified 
_struct_asym.entity_id 
_struct_asym.details 
A N N 1 ? 
B N N 2 ? 
# 
_struct_ref.id                         1 
_struct_ref.db_name                    UNP 
_struct_ref.db_code                    KCNQ4_HUMAN 
_struct_ref.pdbx_db_accession          P56696 
_struct_ref.entity_id                  1 
_struct_ref.pdbx_seq_one_letter_code   DEISMMGRVVKVEKQVQSIEHKLDLLLGFY 
_struct_ref.pdbx_align_begin           611 
_struct_ref.pdbx_db_isoform            ? 
# 
_struct_ref_seq.align_id                      1 
_struct_ref_seq.ref_id                        1 
_struct_ref_seq.pdbx_PDB_id_code              2OVC 
_struct_ref_seq.pdbx_strand_id                A 
_struct_ref_seq.seq_align_beg                 3 
_struct_ref_seq.pdbx_seq_align_beg_ins_code   ? 
_struct_ref_seq.seq_align_end                 33 
_struct_ref_seq.pdbx_seq_align_end_ins_code   ? 
_struct_ref_seq.pdbx_db_accession             P56696 
_struct_ref_seq.db_align_beg                  610 
_struct_ref_seq.pdbx_db_align_beg_ins_code    ? 
_struct_ref_seq.db_align_end                  640 
_struct_ref_seq.pdbx_db_align_end_ins_code    ? 
_struct_ref_seq.pdbx_auth_seq_align_beg       3 
_struct_ref_seq.pdbx_auth_seq_align_end       33 
# 
loop_
_struct_ref_seq_dif.align_id 
_struct_ref_seq_dif.pdbx_pdb_id_code 
_struct_ref_seq_dif.mon_id 
_struct_ref_seq_dif.pdbx_pdb_strand_id 
_struct_ref_seq_dif.seq_num 
_struct_ref_seq_dif.pdbx_pdb_ins_code 
_struct_ref_seq_dif.pdbx_seq_db_name 
_struct_ref_seq_dif.pdbx_seq_db_accession_code 
_struct_ref_seq_dif.db_mon_id 
_struct_ref_seq_dif.pdbx_seq_db_seq_num 
_struct_ref_seq_dif.details 
_struct_ref_seq_dif.pdbx_auth_seq_num 
_struct_ref_seq_dif.pdbx_ordinal 
1 2OVC GLY A 1 ? UNP P56696 ? ? 'cloning artifact' 1 1 
1 2OVC ALA A 2 ? UNP P56696 ? ? 'cloning artifact' 2 2 
# 
_pdbx_struct_assembly.id                   1 
_pdbx_struct_assembly.details              author_and_software_defined_assembly 
_pdbx_struct_assembly.method_details       PISA,PQS 
_pdbx_struct_assembly.oligomeric_details   tetrameric 
_pdbx_struct_assembly.oligomeric_count     4 
# 
loop_
_pdbx_struct_assembly_prop.biol_id 
_pdbx_struct_assembly_prop.type 
_pdbx_struct_assembly_prop.value 
_pdbx_struct_assembly_prop.details 
1 'ABSA (A^2)' 6090 ? 
1 MORE         -53  ? 
1 'SSA (A^2)'  6890 ? 
# 
_pdbx_struct_assembly_gen.assembly_id       1 
_pdbx_struct_assembly_gen.oper_expression   1,2,3,4 
_pdbx_struct_assembly_gen.asym_id_list      A,B 
# 
loop_
_pdbx_struct_oper_list.id 
_pdbx_struct_oper_list.type 
_pdbx_struct_oper_list.name 
_pdbx_struct_oper_list.symmetry_operation 
_pdbx_struct_oper_list.matrix[1][1] 
_pdbx_struct_oper_list.matrix[1][2] 
_pdbx_struct_oper_list.matrix[1][3] 
_pdbx_struct_oper_list.vector[1] 
_pdbx_struct_oper_list.matrix[2][1] 
_pdbx_struct_oper_list.matrix[2][2] 
_pdbx_struct_oper_list.matrix[2][3] 
_pdbx_struct_oper_list.vector[2] 
_pdbx_struct_oper_list.matrix[3][1] 
_pdbx_struct_oper_list.matrix[3][2] 
_pdbx_struct_oper_list.matrix[3][3] 
_pdbx_struct_oper_list.vector[3] 
1 'identity operation'         1_555 x,y,z       1.0000000000  0.0000000000  0.0000000000  0.0000000000  0.0000000000  1.0000000000  0.0000000000 0.0000000000  0.0000000000  0.0000000000 1.0000000000 0.0000000000  
2 'crystal symmetry operation' 2_665 -x+1,-y+1,z -0.8762595566 -0.2204799260 -0.4284364500 12.9892520181 -0.2204799260 -0.6071502863 0.7633853104 3.5727094551  -0.4284364500 0.7633853104 0.4834098429 1.9129676946  
3 'crystal symmetry operation' 3_655 -y+1,x,z    0.0618702217  -0.9714628850 0.2289802146  7.6091634986  0.7509829590  0.1964248569  0.6304299096 -4.0448792275 -0.6574166646 0.1329554008 0.7417049214 4.2792249305  
4 'crystal symmetry operation' 4_565 y,-x+1,z    0.0618702217  0.7509829590  -0.6574166646 5.3800885194  -0.9714628850 0.1964248569  0.1329554008 7.6175886825  0.2289802146  0.6304299096 0.7417049214 -2.3662572360 
# 
_struct_biol.id                    1 
_struct_biol.details               
;The biological assembly is a tetramer generated from the monomer in the asymmetric unit by the operations: y, 1-x, z; 1-x, 1-y, z; and 1-y, x, z
;
_struct_biol.pdbx_parent_biol_id   ? 
# 
_struct_conf.conf_type_id            HELX_P 
_struct_conf.id                      HELX_P1 
_struct_conf.pdbx_PDB_helix_id       1 
_struct_conf.beg_label_comp_id       ASP 
_struct_conf.beg_label_asym_id       A 
_struct_conf.beg_label_seq_id        4 
_struct_conf.pdbx_beg_PDB_ins_code   ? 
_struct_conf.end_label_comp_id       GLY 
_struct_conf.end_label_asym_id       A 
_struct_conf.end_label_seq_id        31 
_struct_conf.pdbx_end_PDB_ins_code   ? 
_struct_conf.beg_auth_comp_id        ASP 
_struct_conf.beg_auth_asym_id        A 
_struct_conf.beg_auth_seq_id         4 
_struct_conf.end_auth_comp_id        GLY 
_struct_conf.end_auth_asym_id        A 
_struct_conf.end_auth_seq_id         31 
_struct_conf.pdbx_PDB_helix_class    1 
_struct_conf.details                 ? 
_struct_conf.pdbx_PDB_helix_length   28 
# 
_struct_conf_type.id          HELX_P 
_struct_conf_type.criteria    ? 
_struct_conf_type.reference   ? 
# 
_pdbx_phasing_MR.entry_id                     2OVC 
_pdbx_phasing_MR.method_rotation              'fast direct' 
_pdbx_phasing_MR.method_translation           &STRIP%trans_method 
_pdbx_phasing_MR.model_details                ? 
_pdbx_phasing_MR.R_factor                     ? 
_pdbx_phasing_MR.R_rigid_body                 ? 
_pdbx_phasing_MR.correlation_coeff_Fo_to_Fc   ? 
_pdbx_phasing_MR.correlation_coeff_Io_to_Ic   ? 
_pdbx_phasing_MR.d_res_high_rotation          ? 
_pdbx_phasing_MR.d_res_low_rotation           ? 
_pdbx_phasing_MR.d_res_high_translation       ? 
_pdbx_phasing_MR.d_res_low_translation        ? 
_pdbx_phasing_MR.packing                      ? 
_pdbx_phasing_MR.reflns_percent_rotation      ? 
_pdbx_phasing_MR.reflns_percent_translation   ? 
_pdbx_phasing_MR.sigma_F_rotation             ? 
_pdbx_phasing_MR.sigma_F_translation          ? 
_pdbx_phasing_MR.sigma_I_rotation             ? 
_pdbx_phasing_MR.sigma_I_translation          ? 
# 
loop_
_pdbx_unobs_or_zero_occ_residues.id 
_pdbx_unobs_or_zero_occ_residues.PDB_model_num 
_pdbx_unobs_or_zero_occ_residues.polymer_flag 
_pdbx_unobs_or_zero_occ_residues.occupancy_flag 
_pdbx_unobs_or_zero_occ_residues.auth_asym_id 
_pdbx_unobs_or_zero_occ_residues.auth_comp_id 
_pdbx_unobs_or_zero_occ_residues.auth_seq_id 
_pdbx_unobs_or_zero_occ_residues.PDB_ins_code 
_pdbx_unobs_or_zero_occ_residues.label_asym_id 
_pdbx_unobs_or_zero_occ_residues.label_comp_id 
_pdbx_unobs_or_zero_occ_residues.label_seq_id 
1 1 Y 1 A GLY 1 ? A GLY 1 
2 1 Y 1 A ALA 2 ? A ALA 2 
3 1 Y 1 A VAL 3 ? A VAL 3 
# 
loop_
_chem_comp_atom.comp_id 
_chem_comp_atom.atom_id 
_chem_comp_atom.type_symbol 
_chem_comp_atom.pdbx_aromatic_flag 
_chem_comp_atom.pdbx_stereo_config 
_chem_comp_atom.pdbx_ordinal 
ALA N    N N N 1   
ALA CA   C N S 2   
ALA C    C N N 3   
ALA O    O N N 4   
ALA CB   C N N 5   
ALA OXT  O N N 6   
ALA H    H N N 7   
ALA H2   H N N 8   
ALA HA   H N N 9   
ALA HB1  H N N 10  
ALA HB2  H N N 11  
ALA HB3  H N N 12  
ALA HXT  H N N 13  
ARG N    N N N 14  
ARG CA   C N S 15  
ARG C    C N N 16  
ARG O    O N N 17  
ARG CB   C N N 18  
ARG CG   C N N 19  
ARG CD   C N N 20  
ARG NE   N N N 21  
ARG CZ   C N N 22  
ARG NH1  N N N 23  
ARG NH2  N N N 24  
ARG OXT  O N N 25  
ARG H    H N N 26  
ARG H2   H N N 27  
ARG HA   H N N 28  
ARG HB2  H N N 29  
ARG HB3  H N N 30  
ARG HG2  H N N 31  
ARG HG3  H N N 32  
ARG HD2  H N N 33  
ARG HD3  H N N 34  
ARG HE   H N N 35  
ARG HH11 H N N 36  
ARG HH12 H N N 37  
ARG HH21 H N N 38  
ARG HH22 H N N 39  
ARG HXT  H N N 40  
ASP N    N N N 41  
ASP CA   C N S 42  
ASP C    C N N 43  
ASP O    O N N 44  
ASP CB   C N N 45  
ASP CG   C N N 46  
ASP OD1  O N N 47  
ASP OD2  O N N 48  
ASP OXT  O N N 49  
ASP H    H N N 50  
ASP H2   H N N 51  
ASP HA   H N N 52  
ASP HB2  H N N 53  
ASP HB3  H N N 54  
ASP HD2  H N N 55  
ASP HXT  H N N 56  
GLN N    N N N 57  
GLN CA   C N S 58  
GLN C    C N N 59  
GLN O    O N N 60  
GLN CB   C N N 61  
GLN CG   C N N 62  
GLN CD   C N N 63  
GLN OE1  O N N 64  
GLN NE2  N N N 65  
GLN OXT  O N N 66  
GLN H    H N N 67  
GLN H2   H N N 68  
GLN HA   H N N 69  
GLN HB2  H N N 70  
GLN HB3  H N N 71  
GLN HG2  H N N 72  
GLN HG3  H N N 73  
GLN HE21 H N N 74  
GLN HE22 H N N 75  
GLN HXT  H N N 76  
GLU N    N N N 77  
GLU CA   C N S 78  
GLU C    C N N 79  
GLU O    O N N 80  
GLU CB   C N N 81  
GLU CG   C N N 82  
GLU CD   C N N 83  
GLU OE1  O N N 84  
GLU OE2  O N N 85  
GLU OXT  O N N 86  
GLU H    H N N 87  
GLU H2   H N N 88  
GLU HA   H N N 89  
GLU HB2  H N N 90  
GLU HB3  H N N 91  
GLU HG2  H N N 92  
GLU HG3  H N N 93  
GLU HE2  H N N 94  
GLU HXT  H N N 95  
GLY N    N N N 96  
GLY CA   C N N 97  
GLY C    C N N 98  
GLY O    O N N 99  
GLY OXT  O N N 100 
GLY H    H N N 101 
GLY H2   H N N 102 
GLY HA2  H N N 103 
GLY HA3  H N N 104 
GLY HXT  H N N 105 
HIS N    N N N 106 
HIS CA   C N S 107 
HIS C    C N N 108 
HIS O    O N N 109 
HIS CB   C N N 110 
HIS CG   C Y N 111 
HIS ND1  N Y N 112 
HIS CD2  C Y N 113 
HIS CE1  C Y N 114 
HIS NE2  N Y N 115 
HIS OXT  O N N 116 
HIS H    H N N 117 
HIS H2   H N N 118 
HIS HA   H N N 119 
HIS HB2  H N N 120 
HIS HB3  H N N 121 
HIS HD1  H N N 122 
HIS HD2  H N N 123 
HIS HE1  H N N 124 
HIS HE2  H N N 125 
HIS HXT  H N N 126 
HOH O    O N N 127 
HOH H1   H N N 128 
HOH H2   H N N 129 
ILE N    N N N 130 
ILE CA   C N S 131 
ILE C    C N N 132 
ILE O    O N N 133 
ILE CB   C N S 134 
ILE CG1  C N N 135 
ILE CG2  C N N 136 
ILE CD1  C N N 137 
ILE OXT  O N N 138 
ILE H    H N N 139 
ILE H2   H N N 140 
ILE HA   H N N 141 
ILE HB   H N N 142 
ILE HG12 H N N 143 
ILE HG13 H N N 144 
ILE HG21 H N N 145 
ILE HG22 H N N 146 
ILE HG23 H N N 147 
ILE HD11 H N N 148 
ILE HD12 H N N 149 
ILE HD13 H N N 150 
ILE HXT  H N N 151 
LEU N    N N N 152 
LEU CA   C N S 153 
LEU C    C N N 154 
LEU O    O N N 155 
LEU CB   C N N 156 
LEU CG   C N N 157 
LEU CD1  C N N 158 
LEU CD2  C N N 159 
LEU OXT  O N N 160 
LEU H    H N N 161 
LEU H2   H N N 162 
LEU HA   H N N 163 
LEU HB2  H N N 164 
LEU HB3  H N N 165 
LEU HG   H N N 166 
LEU HD11 H N N 167 
LEU HD12 H N N 168 
LEU HD13 H N N 169 
LEU HD21 H N N 170 
LEU HD22 H N N 171 
LEU HD23 H N N 172 
LEU HXT  H N N 173 
LYS N    N N N 174 
LYS CA   C N S 175 
LYS C    C N N 176 
LYS O    O N N 177 
LYS CB   C N N 178 
LYS CG   C N N 179 
LYS CD   C N N 180 
LYS CE   C N N 181 
LYS NZ   N N N 182 
LYS OXT  O N N 183 
LYS H    H N N 184 
LYS H2   H N N 185 
LYS HA   H N N 186 
LYS HB2  H N N 187 
LYS HB3  H N N 188 
LYS HG2  H N N 189 
LYS HG3  H N N 190 
LYS HD2  H N N 191 
LYS HD3  H N N 192 
LYS HE2  H N N 193 
LYS HE3  H N N 194 
LYS HZ1  H N N 195 
LYS HZ2  H N N 196 
LYS HZ3  H N N 197 
LYS HXT  H N N 198 
MET N    N N N 199 
MET CA   C N S 200 
MET C    C N N 201 
MET O    O N N 202 
MET CB   C N N 203 
MET CG   C N N 204 
MET SD   S N N 205 
MET CE   C N N 206 
MET OXT  O N N 207 
MET H    H N N 208 
MET H2   H N N 209 
MET HA   H N N 210 
MET HB2  H N N 211 
MET HB3  H N N 212 
MET HG2  H N N 213 
MET HG3  H N N 214 
MET HE1  H N N 215 
MET HE2  H N N 216 
MET HE3  H N N 217 
MET HXT  H N N 218 
PHE N    N N N 219 
PHE CA   C N S 220 
PHE C    C N N 221 
PHE O    O N N 222 
PHE CB   C N N 223 
PHE CG   C Y N 224 
PHE CD1  C Y N 225 
PHE CD2  C Y N 226 
PHE CE1  C Y N 227 
PHE CE2  C Y N 228 
PHE CZ   C Y N 229 
PHE OXT  O N N 230 
PHE H    H N N 231 
PHE H2   H N N 232 
PHE HA   H N N 233 
PHE HB2  H N N 234 
PHE HB3  H N N 235 
PHE HD1  H N N 236 
PHE HD2  H N N 237 
PHE HE1  H N N 238 
PHE HE2  H N N 239 
PHE HZ   H N N 240 
PHE HXT  H N N 241 
SER N    N N N 242 
SER CA   C N S 243 
SER C    C N N 244 
SER O    O N N 245 
SER CB   C N N 246 
SER OG   O N N 247 
SER OXT  O N N 248 
SER H    H N N 249 
SER H2   H N N 250 
SER HA   H N N 251 
SER HB2  H N N 252 
SER HB3  H N N 253 
SER HG   H N N 254 
SER HXT  H N N 255 
TYR N    N N N 256 
TYR CA   C N S 257 
TYR C    C N N 258 
TYR O    O N N 259 
TYR CB   C N N 260 
TYR CG   C Y N 261 
TYR CD1  C Y N 262 
TYR CD2  C Y N 263 
TYR CE1  C Y N 264 
TYR CE2  C Y N 265 
TYR CZ   C Y N 266 
TYR OH   O N N 267 
TYR OXT  O N N 268 
TYR H    H N N 269 
TYR H2   H N N 270 
TYR HA   H N N 271 
TYR HB2  H N N 272 
TYR HB3  H N N 273 
TYR HD1  H N N 274 
TYR HD2  H N N 275 
TYR HE1  H N N 276 
TYR HE2  H N N 277 
TYR HH   H N N 278 
TYR HXT  H N N 279 
VAL N    N N N 280 
VAL CA   C N S 281 
VAL C    C N N 282 
VAL O    O N N 283 
VAL CB   C N N 284 
VAL CG1  C N N 285 
VAL CG2  C N N 286 
VAL OXT  O N N 287 
VAL H    H N N 288 
VAL H2   H N N 289 
VAL HA   H N N 290 
VAL HB   H N N 291 
VAL HG11 H N N 292 
VAL HG12 H N N 293 
VAL HG13 H N N 294 
VAL HG21 H N N 295 
VAL HG22 H N N 296 
VAL HG23 H N N 297 
VAL HXT  H N N 298 
# 
loop_
_chem_comp_bond.comp_id 
_chem_comp_bond.atom_id_1 
_chem_comp_bond.atom_id_2 
_chem_comp_bond.value_order 
_chem_comp_bond.pdbx_aromatic_flag 
_chem_comp_bond.pdbx_stereo_config 
_chem_comp_bond.pdbx_ordinal 
ALA N   CA   sing N N 1   
ALA N   H    sing N N 2   
ALA N   H2   sing N N 3   
ALA CA  C    sing N N 4   
ALA CA  CB   sing N N 5   
ALA CA  HA   sing N N 6   
ALA C   O    doub N N 7   
ALA C   OXT  sing N N 8   
ALA CB  HB1  sing N N 9   
ALA CB  HB2  sing N N 10  
ALA CB  HB3  sing N N 11  
ALA OXT HXT  sing N N 12  
ARG N   CA   sing N N 13  
ARG N   H    sing N N 14  
ARG N   H2   sing N N 15  
ARG CA  C    sing N N 16  
ARG CA  CB   sing N N 17  
ARG CA  HA   sing N N 18  
ARG C   O    doub N N 19  
ARG C   OXT  sing N N 20  
ARG CB  CG   sing N N 21  
ARG CB  HB2  sing N N 22  
ARG CB  HB3  sing N N 23  
ARG CG  CD   sing N N 24  
ARG CG  HG2  sing N N 25  
ARG CG  HG3  sing N N 26  
ARG CD  NE   sing N N 27  
ARG CD  HD2  sing N N 28  
ARG CD  HD3  sing N N 29  
ARG NE  CZ   sing N N 30  
ARG NE  HE   sing N N 31  
ARG CZ  NH1  sing N N 32  
ARG CZ  NH2  doub N N 33  
ARG NH1 HH11 sing N N 34  
ARG NH1 HH12 sing N N 35  
ARG NH2 HH21 sing N N 36  
ARG NH2 HH22 sing N N 37  
ARG OXT HXT  sing N N 38  
ASP N   CA   sing N N 39  
ASP N   H    sing N N 40  
ASP N   H2   sing N N 41  
ASP CA  C    sing N N 42  
ASP CA  CB   sing N N 43  
ASP CA  HA   sing N N 44  
ASP C   O    doub N N 45  
ASP C   OXT  sing N N 46  
ASP CB  CG   sing N N 47  
ASP CB  HB2  sing N N 48  
ASP CB  HB3  sing N N 49  
ASP CG  OD1  doub N N 50  
ASP CG  OD2  sing N N 51  
ASP OD2 HD2  sing N N 52  
ASP OXT HXT  sing N N 53  
GLN N   CA   sing N N 54  
GLN N   H    sing N N 55  
GLN N   H2   sing N N 56  
GLN CA  C    sing N N 57  
GLN CA  CB   sing N N 58  
GLN CA  HA   sing N N 59  
GLN C   O    doub N N 60  
GLN C   OXT  sing N N 61  
GLN CB  CG   sing N N 62  
GLN CB  HB2  sing N N 63  
GLN CB  HB3  sing N N 64  
GLN CG  CD   sing N N 65  
GLN CG  HG2  sing N N 66  
GLN CG  HG3  sing N N 67  
GLN CD  OE1  doub N N 68  
GLN CD  NE2  sing N N 69  
GLN NE2 HE21 sing N N 70  
GLN NE2 HE22 sing N N 71  
GLN OXT HXT  sing N N 72  
GLU N   CA   sing N N 73  
GLU N   H    sing N N 74  
GLU N   H2   sing N N 75  
GLU CA  C    sing N N 76  
GLU CA  CB   sing N N 77  
GLU CA  HA   sing N N 78  
GLU C   O    doub N N 79  
GLU C   OXT  sing N N 80  
GLU CB  CG   sing N N 81  
GLU CB  HB2  sing N N 82  
GLU CB  HB3  sing N N 83  
GLU CG  CD   sing N N 84  
GLU CG  HG2  sing N N 85  
GLU CG  HG3  sing N N 86  
GLU CD  OE1  doub N N 87  
GLU CD  OE2  sing N N 88  
GLU OE2 HE2  sing N N 89  
GLU OXT HXT  sing N N 90  
GLY N   CA   sing N N 91  
GLY N   H    sing N N 92  
GLY N   H2   sing N N 93  
GLY CA  C    sing N N 94  
GLY CA  HA2  sing N N 95  
GLY CA  HA3  sing N N 96  
GLY C   O    doub N N 97  
GLY C   OXT  sing N N 98  
GLY OXT HXT  sing N N 99  
HIS N   CA   sing N N 100 
HIS N   H    sing N N 101 
HIS N   H2   sing N N 102 
HIS CA  C    sing N N 103 
HIS CA  CB   sing N N 104 
HIS CA  HA   sing N N 105 
HIS C   O    doub N N 106 
HIS C   OXT  sing N N 107 
HIS CB  CG   sing N N 108 
HIS CB  HB2  sing N N 109 
HIS CB  HB3  sing N N 110 
HIS CG  ND1  sing Y N 111 
HIS CG  CD2  doub Y N 112 
HIS ND1 CE1  doub Y N 113 
HIS ND1 HD1  sing N N 114 
HIS CD2 NE2  sing Y N 115 
HIS CD2 HD2  sing N N 116 
HIS CE1 NE2  sing Y N 117 
HIS CE1 HE1  sing N N 118 
HIS NE2 HE2  sing N N 119 
HIS OXT HXT  sing N N 120 
HOH O   H1   sing N N 121 
HOH O   H2   sing N N 122 
ILE N   CA   sing N N 123 
ILE N   H    sing N N 124 
ILE N   H2   sing N N 125 
ILE CA  C    sing N N 126 
ILE CA  CB   sing N N 127 
ILE CA  HA   sing N N 128 
ILE C   O    doub N N 129 
ILE C   OXT  sing N N 130 
ILE CB  CG1  sing N N 131 
ILE CB  CG2  sing N N 132 
ILE CB  HB   sing N N 133 
ILE CG1 CD1  sing N N 134 
ILE CG1 HG12 sing N N 135 
ILE CG1 HG13 sing N N 136 
ILE CG2 HG21 sing N N 137 
ILE CG2 HG22 sing N N 138 
ILE CG2 HG23 sing N N 139 
ILE CD1 HD11 sing N N 140 
ILE CD1 HD12 sing N N 141 
ILE CD1 HD13 sing N N 142 
ILE OXT HXT  sing N N 143 
LEU N   CA   sing N N 144 
LEU N   H    sing N N 145 
LEU N   H2   sing N N 146 
LEU CA  C    sing N N 147 
LEU CA  CB   sing N N 148 
LEU CA  HA   sing N N 149 
LEU C   O    doub N N 150 
LEU C   OXT  sing N N 151 
LEU CB  CG   sing N N 152 
LEU CB  HB2  sing N N 153 
LEU CB  HB3  sing N N 154 
LEU CG  CD1  sing N N 155 
LEU CG  CD2  sing N N 156 
LEU CG  HG   sing N N 157 
LEU CD1 HD11 sing N N 158 
LEU CD1 HD12 sing N N 159 
LEU CD1 HD13 sing N N 160 
LEU CD2 HD21 sing N N 161 
LEU CD2 HD22 sing N N 162 
LEU CD2 HD23 sing N N 163 
LEU OXT HXT  sing N N 164 
LYS N   CA   sing N N 165 
LYS N   H    sing N N 166 
LYS N   H2   sing N N 167 
LYS CA  C    sing N N 168 
LYS CA  CB   sing N N 169 
LYS CA  HA   sing N N 170 
LYS C   O    doub N N 171 
LYS C   OXT  sing N N 172 
LYS CB  CG   sing N N 173 
LYS CB  HB2  sing N N 174 
LYS CB  HB3  sing N N 175 
LYS CG  CD   sing N N 176 
LYS CG  HG2  sing N N 177 
LYS CG  HG3  sing N N 178 
LYS CD  CE   sing N N 179 
LYS CD  HD2  sing N N 180 
LYS CD  HD3  sing N N 181 
LYS CE  NZ   sing N N 182 
LYS CE  HE2  sing N N 183 
LYS CE  HE3  sing N N 184 
LYS NZ  HZ1  sing N N 185 
LYS NZ  HZ2  sing N N 186 
LYS NZ  HZ3  sing N N 187 
LYS OXT HXT  sing N N 188 
MET N   CA   sing N N 189 
MET N   H    sing N N 190 
MET N   H2   sing N N 191 
MET CA  C    sing N N 192 
MET CA  CB   sing N N 193 
MET CA  HA   sing N N 194 
MET C   O    doub N N 195 
MET C   OXT  sing N N 196 
MET CB  CG   sing N N 197 
MET CB  HB2  sing N N 198 
MET CB  HB3  sing N N 199 
MET CG  SD   sing N N 200 
MET CG  HG2  sing N N 201 
MET CG  HG3  sing N N 202 
MET SD  CE   sing N N 203 
MET CE  HE1  sing N N 204 
MET CE  HE2  sing N N 205 
MET CE  HE3  sing N N 206 
MET OXT HXT  sing N N 207 
PHE N   CA   sing N N 208 
PHE N   H    sing N N 209 
PHE N   H2   sing N N 210 
PHE CA  C    sing N N 211 
PHE CA  CB   sing N N 212 
PHE CA  HA   sing N N 213 
PHE C   O    doub N N 214 
PHE C   OXT  sing N N 215 
PHE CB  CG   sing N N 216 
PHE CB  HB2  sing N N 217 
PHE CB  HB3  sing N N 218 
PHE CG  CD1  doub Y N 219 
PHE CG  CD2  sing Y N 220 
PHE CD1 CE1  sing Y N 221 
PHE CD1 HD1  sing N N 222 
PHE CD2 CE2  doub Y N 223 
PHE CD2 HD2  sing N N 224 
PHE CE1 CZ   doub Y N 225 
PHE CE1 HE1  sing N N 226 
PHE CE2 CZ   sing Y N 227 
PHE CE2 HE2  sing N N 228 
PHE CZ  HZ   sing N N 229 
PHE OXT HXT  sing N N 230 
SER N   CA   sing N N 231 
SER N   H    sing N N 232 
SER N   H2   sing N N 233 
SER CA  C    sing N N 234 
SER CA  CB   sing N N 235 
SER CA  HA   sing N N 236 
SER C   O    doub N N 237 
SER C   OXT  sing N N 238 
SER CB  OG   sing N N 239 
SER CB  HB2  sing N N 240 
SER CB  HB3  sing N N 241 
SER OG  HG   sing N N 242 
SER OXT HXT  sing N N 243 
TYR N   CA   sing N N 244 
TYR N   H    sing N N 245 
TYR N   H2   sing N N 246 
TYR CA  C    sing N N 247 
TYR CA  CB   sing N N 248 
TYR CA  HA   sing N N 249 
TYR C   O    doub N N 250 
TYR C   OXT  sing N N 251 
TYR CB  CG   sing N N 252 
TYR CB  HB2  sing N N 253 
TYR CB  HB3  sing N N 254 
TYR CG  CD1  doub Y N 255 
TYR CG  CD2  sing Y N 256 
TYR CD1 CE1  sing Y N 257 
TYR CD1 HD1  sing N N 258 
TYR CD2 CE2  doub Y N 259 
TYR CD2 HD2  sing N N 260 
TYR CE1 CZ   doub Y N 261 
TYR CE1 HE1  sing N N 262 
TYR CE2 CZ   sing Y N 263 
TYR CE2 HE2  sing N N 264 
TYR CZ  OH   sing N N 265 
TYR OH  HH   sing N N 266 
TYR OXT HXT  sing N N 267 
VAL N   CA   sing N N 268 
VAL N   H    sing N N 269 
VAL N   H2   sing N N 270 
VAL CA  C    sing N N 271 
VAL CA  CB   sing N N 272 
VAL CA  HA   sing N N 273 
VAL C   O    doub N N 274 
VAL C   OXT  sing N N 275 
VAL CB  CG1  sing N N 276 
VAL CB  CG2  sing N N 277 
VAL CB  HB   sing N N 278 
VAL CG1 HG11 sing N N 279 
VAL CG1 HG12 sing N N 280 
VAL CG1 HG13 sing N N 281 
VAL CG2 HG21 sing N N 282 
VAL CG2 HG22 sing N N 283 
VAL CG2 HG23 sing N N 284 
VAL OXT HXT  sing N N 285 
# 
_atom_sites.entry_id                    2OVC 
_atom_sites.fract_transf_matrix[1][1]   -0.02342461 
_atom_sites.fract_transf_matrix[1][2]   -0.01873685 
_atom_sites.fract_transf_matrix[1][3]   0.00287681 
_atom_sites.fract_transf_matrix[2][1]   0.01741160 
_atom_sites.fract_transf_matrix[2][2]   -0.01945824 
_atom_sites.fract_transf_matrix[2][3]   0.01504230 
_atom_sites.fract_transf_matrix[3][1]   -0.00449941 
_atom_sites.fract_transf_matrix[3][2]   0.00801702 
_atom_sites.fract_transf_matrix[3][3]   0.01557866 
_atom_sites.fract_transf_vector[1]      0.682852 
_atom_sites.fract_transf_vector[2]      0.407288 
_atom_sites.fract_transf_vector[3]      0.063644 
# 
loop_
_atom_type.symbol 
C 
N 
O 
S 
# 
loop_
_atom_site.group_PDB 
_atom_site.id 
_atom_site.type_symbol 
_atom_site.label_atom_id 
_atom_site.label_alt_id 
_atom_site.label_comp_id 
_atom_site.label_asym_id 
_atom_site.label_entity_id 
_atom_site.label_seq_id 
_atom_site.pdbx_PDB_ins_code 
_atom_site.Cartn_x 
_atom_site.Cartn_y 
_atom_site.Cartn_z 
_atom_site.occupancy 
_atom_site.B_iso_or_equiv 
_atom_site.pdbx_formal_charge 
_atom_site.auth_seq_id 
_atom_site.auth_comp_id 
_atom_site.auth_asym_id 
_atom_site.auth_atom_id 
_atom_site.pdbx_PDB_model_num 
ATOM   1   N N   . ASP A 1 4  ? -1.986  17.069  14.416  1.00 26.52 ? 4  ASP A N   1 
ATOM   2   C CA  . ASP A 1 4  ? -3.328  16.386  14.345  1.00 26.38 ? 4  ASP A CA  1 
ATOM   3   C C   . ASP A 1 4  ? -3.180  14.919  14.024  1.00 25.41 ? 4  ASP A C   1 
ATOM   4   O O   . ASP A 1 4  ? -2.733  14.560  12.935  1.00 25.94 ? 4  ASP A O   1 
ATOM   5   C CB  . ASP A 1 4  ? -4.261  17.050  13.318  1.00 27.05 ? 4  ASP A CB  1 
ATOM   6   C CG  . ASP A 1 4  ? -5.738  16.716  13.562  1.00 28.75 ? 4  ASP A CG  1 
ATOM   7   O OD1 . ASP A 1 4  ? -6.546  17.608  13.926  1.00 32.36 ? 4  ASP A OD1 1 
ATOM   8   O OD2 . ASP A 1 4  ? -6.103  15.549  13.395  1.00 29.45 ? 4  ASP A OD2 1 
ATOM   9   N N   . GLU A 1 5  ? -3.596  14.082  14.973  1.00 24.39 ? 5  GLU A N   1 
ATOM   10  C CA  . GLU A 1 5  ? -3.395  12.632  14.929  1.00 23.51 ? 5  GLU A CA  1 
ATOM   11  C C   . GLU A 1 5  ? -4.245  11.868  13.920  1.00 22.05 ? 5  GLU A C   1 
ATOM   12  O O   . GLU A 1 5  ? -3.836  10.807  13.448  1.00 21.71 ? 5  GLU A O   1 
ATOM   13  C CB  . GLU A 1 5  ? -3.621  12.051  16.315  1.00 24.39 ? 5  GLU A CB  1 
ATOM   14  C CG  . GLU A 1 5  ? -2.654  12.551  17.376  1.00 28.60 ? 5  GLU A CG  1 
ATOM   15  C CD  . GLU A 1 5  ? -2.910  11.899  18.721  1.00 34.90 ? 5  GLU A CD  1 
ATOM   16  O OE1 . GLU A 1 5  ? -1.974  11.862  19.565  1.00 37.80 ? 5  GLU A OE1 1 
ATOM   17  O OE2 . GLU A 1 5  ? -4.051  11.417  18.929  1.00 36.97 ? 5  GLU A OE2 1 
ATOM   18  N N   . ILE A 1 6  ? -5.431  12.398  13.618  1.00 20.46 ? 6  ILE A N   1 
ATOM   19  C CA  . ILE A 1 6  ? -6.328  11.871  12.587  1.00 18.81 ? 6  ILE A CA  1 
ATOM   20  C C   . ILE A 1 6  ? -5.748  12.067  11.185  1.00 18.55 ? 6  ILE A C   1 
ATOM   21  O O   . ILE A 1 6  ? -5.807  11.159  10.338  1.00 18.62 ? 6  ILE A O   1 
ATOM   22  C CB  . ILE A 1 6  ? -7.712  12.551  12.683  1.00 18.40 ? 6  ILE A CB  1 
ATOM   23  C CG1 . ILE A 1 6  ? -8.339  12.236  14.041  1.00 18.57 ? 6  ILE A CG1 1 
ATOM   24  C CG2 . ILE A 1 6  ? -8.612  12.126  11.547  1.00 16.84 ? 6  ILE A CG2 1 
ATOM   25  C CD1 . ILE A 1 6  ? -9.646  12.993  14.328  1.00 19.34 ? 6  ILE A CD1 1 
ATOM   26  N N   . SER A 1 7  ? -5.195  13.250  10.946  1.00 17.66 ? 7  SER A N   1 
ATOM   27  C CA  . SER A 1 7  ? -4.497  13.561  9.706   1.00 17.72 ? 7  SER A CA  1 
ATOM   28  C C   . SER A 1 7  ? -3.350  12.602  9.523   1.00 17.09 ? 7  SER A C   1 
ATOM   29  O O   . SER A 1 7  ? -3.189  12.009  8.452   1.00 16.33 ? 7  SER A O   1 
ATOM   30  C CB  . SER A 1 7  ? -3.928  14.967  9.767   1.00 18.14 ? 7  SER A CB  1 
ATOM   31  O OG  . SER A 1 7  ? -4.973  15.917  9.883   1.00 20.22 ? 7  SER A OG  1 
ATOM   32  N N   . MET A 1 8  ? -2.582  12.441  10.595  1.00 16.26 ? 8  MET A N   1 
ATOM   33  C CA  . MET A 1 8  ? -1.466  11.522  10.610  1.00 16.60 ? 8  MET A CA  1 
ATOM   34  C C   . MET A 1 8  ? -1.902  10.081  10.324  1.00 15.70 ? 8  MET A C   1 
ATOM   35  O O   . MET A 1 8  ? -1.323  9.420   9.463   1.00 15.28 ? 8  MET A O   1 
ATOM   36  C CB  A MET A 1 8  ? -0.618  11.592  11.873  0.65 15.85 ? 8  MET A CB  1 
ATOM   37  C CB  B MET A 1 8  ? -0.833  11.618  11.993  0.35 16.35 ? 8  MET A CB  1 
ATOM   38  C CG  A MET A 1 8  ? 0.764   11.001  11.602  0.65 17.09 ? 8  MET A CG  1 
ATOM   39  C CG  B MET A 1 8  ? 0.656   11.583  12.017  0.35 18.24 ? 8  MET A CG  1 
ATOM   40  S SD  A MET A 1 8  ? 2.043   11.277  12.856  0.65 18.78 ? 8  MET A SD  1 
ATOM   41  S SD  B MET A 1 8  ? 1.230   9.944   12.443  0.35 21.12 ? 8  MET A SD  1 
ATOM   42  C CE  A MET A 1 8  ? 1.854   13.024  13.239  0.65 18.55 ? 8  MET A CE  1 
ATOM   43  C CE  B MET A 1 8  ? 1.468   9.261   10.819  0.35 20.76 ? 8  MET A CE  1 
ATOM   44  N N   . MET A 1 9  ? -2.930  9.609   11.025  1.00 15.32 ? 9  MET A N   1 
ATOM   45  C CA  . MET A 1 9  ? -3.433  8.248   10.842  1.00 15.16 ? 9  MET A CA  1 
ATOM   46  C C   . MET A 1 9  ? -3.967  8.065   9.419   1.00 14.45 ? 9  MET A C   1 
ATOM   47  O O   . MET A 1 9  ? -3.769  7.034   8.798   1.00 13.87 ? 9  MET A O   1 
ATOM   48  C CB  . MET A 1 9  ? -4.524  7.950   11.880  1.00 16.19 ? 9  MET A CB  1 
ATOM   49  C CG  . MET A 1 9  ? -5.077  6.525   11.851  1.00 17.36 ? 9  MET A CG  1 
ATOM   50  S SD  . MET A 1 9  ? -3.817  5.234   12.112  1.00 21.66 ? 9  MET A SD  1 
ATOM   51  C CE  . MET A 1 9  ? -4.834  3.740   12.331  1.00 20.15 ? 9  MET A CE  1 
ATOM   52  N N   . GLY A 1 10 ? -4.637  9.094   8.917   1.00 14.06 ? 10 GLY A N   1 
ATOM   53  C CA  . GLY A 1 10 ? -5.099  9.133   7.548   1.00 13.06 ? 10 GLY A CA  1 
ATOM   54  C C   . GLY A 1 10 ? -3.982  8.902   6.569   1.00 12.39 ? 10 GLY A C   1 
ATOM   55  O O   . GLY A 1 10 ? -4.154  8.116   5.654   1.00 12.10 ? 10 GLY A O   1 
ATOM   56  N N   . ARG A 1 11 ? -2.840  9.579   6.745   1.00 12.71 ? 11 ARG A N   1 
ATOM   57  C CA  . ARG A 1 11 ? -1.723  9.407   5.807   1.00 12.72 ? 11 ARG A CA  1 
ATOM   58  C C   . ARG A 1 11 ? -1.124  8.015   5.944   1.00 12.09 ? 11 ARG A C   1 
ATOM   59  O O   . ARG A 1 11 ? -0.755  7.439   4.936   1.00 12.76 ? 11 ARG A O   1 
ATOM   60  C CB  . ARG A 1 11 ? -0.596  10.443  5.964   1.00 13.07 ? 11 ARG A CB  1 
ATOM   61  C CG  . ARG A 1 11 ? -0.922  11.908  5.743   1.00 16.60 ? 11 ARG A CG  1 
ATOM   62  C CD  . ARG A 1 11 ? -1.689  12.153  4.462   1.00 21.25 ? 11 ARG A CD  1 
ATOM   63  N NE  . ARG A 1 11 ? -0.876  12.695  3.393   1.00 24.49 ? 11 ARG A NE  1 
ATOM   64  C CZ  . ARG A 1 11 ? -0.666  13.989  3.219   1.00 25.81 ? 11 ARG A CZ  1 
ATOM   65  N NH1 . ARG A 1 11 ? -1.208  14.862  4.058   1.00 28.27 ? 11 ARG A NH1 1 
ATOM   66  N NH2 . ARG A 1 11 ? 0.078   14.408  2.203   1.00 26.97 ? 11 ARG A NH2 1 
ATOM   67  N N   . VAL A 1 12 ? -0.998  7.492   7.175   1.00 11.69 ? 12 VAL A N   1 
ATOM   68  C CA  . VAL A 1 12 ? -0.471  6.124   7.387   1.00 11.27 ? 12 VAL A CA  1 
ATOM   69  C C   . VAL A 1 12 ? -1.327  5.072   6.710   1.00 11.53 ? 12 VAL A C   1 
ATOM   70  O O   . VAL A 1 12 ? -0.801  4.162   6.099   1.00 11.03 ? 12 VAL A O   1 
ATOM   71  C CB  . VAL A 1 12 ? -0.285  5.740   8.879   1.00 10.90 ? 12 VAL A CB  1 
ATOM   72  C CG1 . VAL A 1 12 ? 0.226   4.282   9.020   1.00 11.34 ? 12 VAL A CG1 1 
ATOM   73  C CG2 . VAL A 1 12 ? 0.699   6.636   9.521   1.00 9.78  ? 12 VAL A CG2 1 
ATOM   74  N N   . VAL A 1 13 ? -2.642  5.192   6.832   1.00 12.48 ? 13 VAL A N   1 
ATOM   75  C CA  . VAL A 1 13 ? -3.591  4.276   6.179   1.00 14.26 ? 13 VAL A CA  1 
ATOM   76  C C   . VAL A 1 13 ? -3.491  4.361   4.666   1.00 14.31 ? 13 VAL A C   1 
ATOM   77  O O   . VAL A 1 13 ? -3.502  3.354   3.991   1.00 14.59 ? 13 VAL A O   1 
ATOM   78  C CB  . VAL A 1 13 ? -5.040  4.578   6.609   1.00 14.43 ? 13 VAL A CB  1 
ATOM   79  C CG1 . VAL A 1 13 ? -6.026  3.881   5.709   1.00 15.76 ? 13 VAL A CG1 1 
ATOM   80  C CG2 . VAL A 1 13 ? -5.247  4.169   8.047   1.00 15.70 ? 13 VAL A CG2 1 
ATOM   81  N N   . LYS A 1 14 ? -3.372  5.572   4.136   1.00 15.43 ? 14 LYS A N   1 
ATOM   82  C CA  . LYS A 1 14 ? -3.168  5.766   2.708   1.00 16.53 ? 14 LYS A CA  1 
ATOM   83  C C   . LYS A 1 14 ? -1.893  5.076   2.213   1.00 15.55 ? 14 LYS A C   1 
ATOM   84  O O   . LYS A 1 14 ? -1.901  4.427   1.162   1.00 15.37 ? 14 LYS A O   1 
ATOM   85  C CB  . LYS A 1 14 ? -3.071  7.252   2.432   1.00 17.08 ? 14 LYS A CB  1 
ATOM   86  C CG  . LYS A 1 14 ? -3.778  7.729   1.192   1.00 19.57 ? 14 LYS A CG  1 
ATOM   87  C CD  . LYS A 1 14 ? -3.866  9.279   1.140   1.00 19.94 ? 14 LYS A CD  1 
ATOM   88  C CE  . LYS A 1 14 ? -5.060  9.861   1.953   1.00 25.31 ? 14 LYS A CE  1 
ATOM   89  N NZ  . LYS A 1 14 ? -6.444  9.404   1.537   1.00 27.99 ? 14 LYS A NZ  1 
ATOM   90  N N   . VAL A 1 15 ? -0.799  5.237   2.961   1.00 14.90 ? 15 VAL A N   1 
ATOM   91  C CA  . VAL A 1 15 ? 0.496   4.631   2.605   1.00 14.12 ? 15 VAL A CA  1 
ATOM   92  C C   . VAL A 1 15 ? 0.385   3.107   2.580   1.00 14.30 ? 15 VAL A C   1 
ATOM   93  O O   . VAL A 1 15 ? 0.852   2.459   1.644   1.00 13.75 ? 15 VAL A O   1 
ATOM   94  C CB  . VAL A 1 15 ? 1.631   5.095   3.558   1.00 13.63 ? 15 VAL A CB  1 
ATOM   95  C CG1 . VAL A 1 15 ? 2.830   4.227   3.412   1.00 12.38 ? 15 VAL A CG1 1 
ATOM   96  C CG2 . VAL A 1 15 ? 2.002   6.534   3.250   1.00 13.49 ? 15 VAL A CG2 1 
ATOM   97  N N   . GLU A 1 16 ? -0.275  2.556   3.600   1.00 14.76 ? 16 GLU A N   1 
ATOM   98  C CA  . GLU A 1 16 ? -0.552  1.123   3.683   1.00 16.02 ? 16 GLU A CA  1 
ATOM   99  C C   . GLU A 1 16 ? -1.312  0.569   2.488   1.00 15.34 ? 16 GLU A C   1 
ATOM   100 O O   . GLU A 1 16 ? -1.041  -0.540  2.045   1.00 15.05 ? 16 GLU A O   1 
ATOM   101 C CB  . GLU A 1 16 ? -1.326  0.784   4.956   1.00 16.18 ? 16 GLU A CB  1 
ATOM   102 C CG  . GLU A 1 16 ? -1.524  -0.716  5.093   1.00 22.19 ? 16 GLU A CG  1 
ATOM   103 C CD  . GLU A 1 16 ? -2.574  -1.107  6.125   1.00 29.87 ? 16 GLU A CD  1 
ATOM   104 O OE1 . GLU A 1 16 ? -3.401  -0.239  6.528   1.00 33.59 ? 16 GLU A OE1 1 
ATOM   105 O OE2 . GLU A 1 16 ? -2.582  -2.302  6.514   1.00 33.51 ? 16 GLU A OE2 1 
ATOM   106 N N   . LYS A 1 17 ? -2.270  1.326   1.982   1.00 15.29 ? 17 LYS A N   1 
ATOM   107 C CA  . LYS A 1 17 ? -3.041  0.871   0.861   1.00 15.95 ? 17 LYS A CA  1 
ATOM   108 C C   . LYS A 1 17 ? -2.205  0.952   -0.386  1.00 15.56 ? 17 LYS A C   1 
ATOM   109 O O   . LYS A 1 17 ? -2.280  0.062   -1.223  1.00 16.02 ? 17 LYS A O   1 
ATOM   110 C CB  . LYS A 1 17 ? -4.363  1.644   0.706   1.00 16.56 ? 17 LYS A CB  1 
ATOM   111 C CG  . LYS A 1 17 ? -5.327  1.486   1.912   1.00 19.69 ? 17 LYS A CG  1 
ATOM   112 C CD  . LYS A 1 17 ? -5.442  0.019   2.339   1.00 23.72 ? 17 LYS A CD  1 
ATOM   113 C CE  . LYS A 1 17 ? -5.488  -0.178  3.864   1.00 26.76 ? 17 LYS A CE  1 
ATOM   114 N NZ  . LYS A 1 17 ? -5.787  -1.634  4.190   1.00 27.05 ? 17 LYS A NZ  1 
ATOM   115 N N   . GLN A 1 18 ? -1.393  1.989   -0.518  1.00 15.23 ? 18 GLN A N   1 
ATOM   116 C CA  . GLN A 1 18 ? -0.538  2.075   -1.693  1.00 15.72 ? 18 GLN A CA  1 
ATOM   117 C C   . GLN A 1 18 ? 0.539   0.982   -1.718  1.00 14.84 ? 18 GLN A C   1 
ATOM   118 O O   . GLN A 1 18 ? 0.846   0.407   -2.756  1.00 14.98 ? 18 GLN A O   1 
ATOM   119 C CB  . GLN A 1 18 ? 0.085   3.448   -1.812  1.00 16.38 ? 18 GLN A CB  1 
ATOM   120 C CG  . GLN A 1 18 ? -0.839  4.477   -2.477  1.00 20.78 ? 18 GLN A CG  1 
ATOM   121 C CD  . GLN A 1 18 ? -0.057  5.564   -3.184  1.00 25.20 ? 18 GLN A CD  1 
ATOM   122 O OE1 . GLN A 1 18 ? 0.289   6.581   -2.577  1.00 26.94 ? 18 GLN A OE1 1 
ATOM   123 N NE2 . GLN A 1 18 ? 0.266   5.337   -4.465  1.00 24.74 ? 18 GLN A NE2 1 
ATOM   124 N N   . VAL A 1 19 ? 1.089   0.700   -0.553  1.00 14.17 ? 19 VAL A N   1 
ATOM   125 C CA  . VAL A 1 19 ? 2.057   -0.353  -0.366  1.00 14.22 ? 19 VAL A CA  1 
ATOM   126 C C   . VAL A 1 19 ? 1.502   -1.760  -0.737  1.00 14.17 ? 19 VAL A C   1 
ATOM   127 O O   . VAL A 1 19 ? 2.241   -2.585  -1.253  1.00 14.49 ? 19 VAL A O   1 
ATOM   128 C CB  . VAL A 1 19 ? 2.619   -0.234  1.081   1.00 13.93 ? 19 VAL A CB  1 
ATOM   129 C CG1 . VAL A 1 19 ? 3.073   -1.527  1.599   1.00 15.53 ? 19 VAL A CG1 1 
ATOM   130 C CG2 . VAL A 1 19 ? 3.732   0.802   1.143   1.00 12.20 ? 19 VAL A CG2 1 
ATOM   131 N N   . GLN A 1 20 ? 0.206   -2.018  -0.514  1.00 14.46 ? 20 GLN A N   1 
ATOM   132 C CA  . GLN A 1 20 ? -0.425  -3.313  -0.833  1.00 15.00 ? 20 GLN A CA  1 
ATOM   133 C C   . GLN A 1 20 ? -0.578  -3.445  -2.307  1.00 14.16 ? 20 GLN A C   1 
ATOM   134 O O   . GLN A 1 20 ? -0.423  -4.522  -2.870  1.00 14.06 ? 20 GLN A O   1 
ATOM   135 C CB  . GLN A 1 20 ? -1.831  -3.416  -0.237  1.00 15.15 ? 20 GLN A CB  1 
ATOM   136 C CG  . GLN A 1 20 ? -1.868  -3.510  1.280   1.00 17.57 ? 20 GLN A CG  1 
ATOM   137 C CD  . GLN A 1 20 ? -3.276  -3.464  1.875   1.00 19.14 ? 20 GLN A CD  1 
ATOM   138 O OE1 . GLN A 1 20 ? -4.239  -3.050  1.226   1.00 26.34 ? 20 GLN A OE1 1 
ATOM   139 N NE2 . GLN A 1 20 ? -3.390  -3.881  3.129   1.00 24.00 ? 20 GLN A NE2 1 
ATOM   140 N N   . SER A 1 21 ? -0.910  -2.321  -2.920  1.00 13.68 ? 21 SER A N   1 
ATOM   141 C CA  . SER A 1 21 ? -1.140  -2.231  -4.333  1.00 13.77 ? 21 SER A CA  1 
ATOM   142 C C   . SER A 1 21 ? 0.177   -2.401  -5.088  1.00 13.90 ? 21 SER A C   1 
ATOM   143 O O   . SER A 1 21 ? 0.238   -3.093  -6.113  1.00 13.86 ? 21 SER A O   1 
ATOM   144 C CB  . SER A 1 21 ? -1.842  -0.917  -4.614  1.00 13.25 ? 21 SER A CB  1 
ATOM   145 O OG  . SER A 1 21 ? -1.482  -0.410  -5.856  1.00 15.51 ? 21 SER A OG  1 
ATOM   146 N N   . ILE A 1 22 ? 1.239   -1.803  -4.546  1.00 14.35 ? 22 ILE A N   1 
ATOM   147 C CA  . ILE A 1 22 ? 2.633   -2.000  -5.024  1.00 14.24 ? 22 ILE A CA  1 
ATOM   148 C C   . ILE A 1 22 ? 3.087   -3.466  -4.943  1.00 14.15 ? 22 ILE A C   1 
ATOM   149 O O   . ILE A 1 22 ? 3.684   -3.983  -5.872  1.00 13.46 ? 22 ILE A O   1 
ATOM   150 C CB  . ILE A 1 22 ? 3.644   -1.103  -4.240  1.00 14.19 ? 22 ILE A CB  1 
ATOM   151 C CG1 . ILE A 1 22 ? 3.527   0.361   -4.665  1.00 13.54 ? 22 ILE A CG1 1 
ATOM   152 C CG2 . ILE A 1 22 ? 5.108   -1.611  -4.383  1.00 14.87 ? 22 ILE A CG2 1 
ATOM   153 C CD1 . ILE A 1 22 ? 4.269   1.319   -3.717  1.00 13.30 ? 22 ILE A CD1 1 
ATOM   154 N N   . GLU A 1 23 ? 2.795   -4.127  -3.831  1.00 14.76 ? 23 GLU A N   1 
ATOM   155 C CA  . GLU A 1 23 ? 3.180   -5.523  -3.692  1.00 16.23 ? 23 GLU A CA  1 
ATOM   156 C C   . GLU A 1 23 ? 2.446   -6.404  -4.692  1.00 15.90 ? 23 GLU A C   1 
ATOM   157 O O   . GLU A 1 23 ? 3.043   -7.295  -5.271  1.00 15.83 ? 23 GLU A O   1 
ATOM   158 C CB  . GLU A 1 23 ? 3.000   -6.037  -2.260  1.00 16.36 ? 23 GLU A CB  1 
ATOM   159 C CG  . GLU A 1 23 ? 3.865   -7.254  -2.010  1.00 21.63 ? 23 GLU A CG  1 
ATOM   160 C CD  . GLU A 1 23 ? 3.762   -7.821  -0.602  1.00 26.90 ? 23 GLU A CD  1 
ATOM   161 O OE1 . GLU A 1 23 ? 3.073   -7.224  0.266   1.00 30.39 ? 23 GLU A OE1 1 
ATOM   162 O OE2 . GLU A 1 23 ? 4.378   -8.886  -0.368  1.00 28.04 ? 23 GLU A OE2 1 
ATOM   163 N N   . HIS A 1 24 ? 1.166   -6.139  -4.914  1.00 16.82 ? 24 HIS A N   1 
ATOM   164 C CA  . HIS A 1 24 ? 0.393   -6.889  -5.926  1.00 17.94 ? 24 HIS A CA  1 
ATOM   165 C C   . HIS A 1 24 ? 0.925   -6.688  -7.339  1.00 17.99 ? 24 HIS A C   1 
ATOM   166 O O   . HIS A 1 24 ? 0.976   -7.641  -8.107  1.00 18.97 ? 24 HIS A O   1 
ATOM   167 C CB  . HIS A 1 24 ? -1.116  -6.601  -5.826  1.00 18.38 ? 24 HIS A CB  1 
ATOM   168 C CG  . HIS A 1 24 ? -1.962  -7.448  -6.732  1.00 21.42 ? 24 HIS A CG  1 
ATOM   169 N ND1 . HIS A 1 24 ? -3.230  -7.077  -7.124  1.00 22.92 ? 24 HIS A ND1 1 
ATOM   170 C CD2 . HIS A 1 24 ? -1.717  -8.637  -7.339  1.00 24.58 ? 24 HIS A CD2 1 
ATOM   171 C CE1 . HIS A 1 24 ? -3.730  -7.999  -7.929  1.00 22.96 ? 24 HIS A CE1 1 
ATOM   172 N NE2 . HIS A 1 24 ? -2.835  -8.958  -8.074  1.00 24.87 ? 24 HIS A NE2 1 
ATOM   173 N N   . LYS A 1 25 ? 1.365   -5.472  -7.667  1.00 17.95 ? 25 LYS A N   1 
ATOM   174 C CA  . LYS A 1 25 ? 1.909   -5.181  -8.979  1.00 18.09 ? 25 LYS A CA  1 
ATOM   175 C C   . LYS A 1 25 ? 3.200   -5.929  -9.256  1.00 18.68 ? 25 LYS A C   1 
ATOM   176 O O   . LYS A 1 25 ? 3.397   -6.423  -10.354 1.00 18.76 ? 25 LYS A O   1 
ATOM   177 C CB  . LYS A 1 25 ? 2.075   -3.684  -9.189  1.00 17.71 ? 25 LYS A CB  1 
ATOM   178 C CG  . LYS A 1 25 ? 0.732   -2.993  -9.434  1.00 18.67 ? 25 LYS A CG  1 
ATOM   179 C CD  . LYS A 1 25 ? 0.829   -1.506  -9.803  1.00 17.98 ? 25 LYS A CD  1 
ATOM   180 C CE  . LYS A 1 25 ? -0.568  -0.928  -9.920  1.00 18.04 ? 25 LYS A CE  1 
ATOM   181 N NZ  . LYS A 1 25 ? -0.618  0.526   -10.288 1.00 19.96 ? 25 LYS A NZ  1 
ATOM   182 N N   . LEU A 1 26 ? 4.076   -6.008  -8.257  1.00 19.73 ? 26 LEU A N   1 
ATOM   183 C CA  . LEU A 1 26 ? 5.296   -6.836  -8.316  1.00 20.40 ? 26 LEU A CA  1 
ATOM   184 C C   . LEU A 1 26 ? 5.024   -8.335  -8.399  1.00 20.47 ? 26 LEU A C   1 
ATOM   185 O O   . LEU A 1 26 ? 5.785   -9.040  -9.014  1.00 20.32 ? 26 LEU A O   1 
ATOM   186 C CB  . LEU A 1 26 ? 6.172   -6.615  -7.085  1.00 19.82 ? 26 LEU A CB  1 
ATOM   187 C CG  . LEU A 1 26 ? 7.151   -5.474  -7.022  1.00 19.90 ? 26 LEU A CG  1 
ATOM   188 C CD1 . LEU A 1 26 ? 7.715   -5.508  -5.625  1.00 20.72 ? 26 LEU A CD1 1 
ATOM   189 C CD2 . LEU A 1 26 ? 8.209   -5.656  -8.060  1.00 18.27 ? 26 LEU A CD2 1 
ATOM   190 N N   . ASP A 1 27 ? 3.988   -8.812  -7.716  1.00 21.91 ? 27 ASP A N   1 
ATOM   191 C CA  . ASP A 1 27 ? 3.526   -10.193 -7.857  1.00 23.54 ? 27 ASP A CA  1 
ATOM   192 C C   . ASP A 1 27 ? 3.164   -10.479 -9.312  1.00 24.41 ? 27 ASP A C   1 
ATOM   193 O O   . ASP A 1 27 ? 3.460   -11.560 -9.822  1.00 25.45 ? 27 ASP A O   1 
ATOM   194 C CB  . ASP A 1 27 ? 2.341   -10.486 -6.934  1.00 23.13 ? 27 ASP A CB  1 
ATOM   195 C CG  . ASP A 1 27 ? 2.757   -10.648 -5.481  1.00 24.20 ? 27 ASP A CG  1 
ATOM   196 O OD1 . ASP A 1 27 ? 3.972   -10.734 -5.194  1.00 25.29 ? 27 ASP A OD1 1 
ATOM   197 O OD2 . ASP A 1 27 ? 1.867   -10.700 -4.609  1.00 26.28 ? 27 ASP A OD2 1 
ATOM   198 N N   . LEU A 1 28 ? 2.564   -9.502  -9.992  1.00 25.09 ? 28 LEU A N   1 
ATOM   199 C CA  . LEU A 1 28 ? 2.354   -9.592  -11.439 1.00 25.41 ? 28 LEU A CA  1 
ATOM   200 C C   . LEU A 1 28 ? 3.646   -9.683  -12.269 1.00 25.97 ? 28 LEU A C   1 
ATOM   201 O O   . LEU A 1 28 ? 3.731   -10.505 -13.177 1.00 27.02 ? 28 LEU A O   1 
ATOM   202 C CB  . LEU A 1 28 ? 1.456   -8.463  -11.941 1.00 25.50 ? 28 LEU A CB  1 
ATOM   203 C CG  . LEU A 1 28 ? 0.027   -8.352  -11.386 1.00 25.33 ? 28 LEU A CG  1 
ATOM   204 C CD1 . LEU A 1 28 ? -0.651  -7.245  -12.130 1.00 25.25 ? 28 LEU A CD1 1 
ATOM   205 C CD2 . LEU A 1 28 ? -0.796  -9.643  -11.502 1.00 24.92 ? 28 LEU A CD2 1 
ATOM   206 N N   . LEU A 1 29 ? 4.647   -8.861  -11.977 1.00 25.75 ? 29 LEU A N   1 
ATOM   207 C CA  . LEU A 1 29 ? 5.915   -8.968  -12.695 1.00 26.41 ? 29 LEU A CA  1 
ATOM   208 C C   . LEU A 1 29 ? 6.683   -10.268 -12.423 1.00 26.76 ? 29 LEU A C   1 
ATOM   209 O O   . LEU A 1 29 ? 7.495   -10.701 -13.258 1.00 27.12 ? 29 LEU A O   1 
ATOM   210 C CB  . LEU A 1 29 ? 6.827   -7.783  -12.382 1.00 26.22 ? 29 LEU A CB  1 
ATOM   211 C CG  . LEU A 1 29 ? 6.564   -6.470  -13.127 1.00 27.37 ? 29 LEU A CG  1 
ATOM   212 C CD1 . LEU A 1 29 ? 7.234   -5.329  -12.399 1.00 26.62 ? 29 LEU A CD1 1 
ATOM   213 C CD2 . LEU A 1 29 ? 7.013   -6.507  -14.585 1.00 26.28 ? 29 LEU A CD2 1 
ATOM   214 N N   . LEU A 1 30 ? 6.446   -10.859 -11.247 1.00 26.73 ? 30 LEU A N   1 
ATOM   215 C CA  . LEU A 1 30 ? 7.210   -12.003 -10.757 1.00 26.87 ? 30 LEU A CA  1 
ATOM   216 C C   . LEU A 1 30 ? 6.536   -13.300 -11.138 1.00 27.53 ? 30 LEU A C   1 
ATOM   217 O O   . LEU A 1 30 ? 7.182   -14.347 -11.230 1.00 27.46 ? 30 LEU A O   1 
ATOM   218 C CB  . LEU A 1 30 ? 7.354   -11.949 -9.239  1.00 26.13 ? 30 LEU A CB  1 
ATOM   219 C CG  . LEU A 1 30 ? 8.531   -11.164 -8.682  1.00 25.41 ? 30 LEU A CG  1 
ATOM   220 C CD1 . LEU A 1 30 ? 8.387   -11.138 -7.208  1.00 25.15 ? 30 LEU A CD1 1 
ATOM   221 C CD2 . LEU A 1 30 ? 9.824   -11.848 -9.045  1.00 25.81 ? 30 LEU A CD2 1 
ATOM   222 N N   . GLY A 1 31 ? 5.228   -13.229 -11.347 1.00 28.26 ? 31 GLY A N   1 
ATOM   223 C CA  . GLY A 1 31 ? 4.462   -14.406 -11.705 1.00 28.94 ? 31 GLY A CA  1 
ATOM   224 C C   . GLY A 1 31 ? 4.027   -15.175 -10.487 1.00 29.55 ? 31 GLY A C   1 
ATOM   225 O O   . GLY A 1 31 ? 3.799   -16.368 -10.577 1.00 30.20 ? 31 GLY A O   1 
ATOM   226 N N   . PHE A 1 32 ? 3.945   -14.489 -9.344  1.00 30.11 ? 32 PHE A N   1 
ATOM   227 C CA  . PHE A 1 32 ? 3.302   -14.994 -8.139  1.00 30.82 ? 32 PHE A CA  1 
ATOM   228 C C   . PHE A 1 32 ? 1.829   -14.626 -8.335  1.00 32.61 ? 32 PHE A C   1 
ATOM   229 O O   . PHE A 1 32 ? 1.543   -13.548 -8.880  1.00 33.11 ? 32 PHE A O   1 
ATOM   230 C CB  . PHE A 1 32 ? 3.847   -14.271 -6.891  1.00 29.68 ? 32 PHE A CB  1 
ATOM   231 C CG  . PHE A 1 32 ? 5.312   -14.568 -6.552  1.00 28.15 ? 32 PHE A CG  1 
ATOM   232 C CD1 . PHE A 1 32 ? 6.180   -15.162 -7.465  1.00 26.84 ? 32 PHE A CD1 1 
ATOM   233 C CD2 . PHE A 1 32 ? 5.813   -14.216 -5.305  1.00 26.70 ? 32 PHE A CD2 1 
ATOM   234 C CE1 . PHE A 1 32 ? 7.513   -15.404 -7.137  1.00 25.36 ? 32 PHE A CE1 1 
ATOM   235 C CE2 . PHE A 1 32 ? 7.137   -14.456 -4.968  1.00 25.64 ? 32 PHE A CE2 1 
ATOM   236 C CZ  . PHE A 1 32 ? 7.989   -15.053 -5.888  1.00 25.45 ? 32 PHE A CZ  1 
ATOM   237 N N   . TYR A 1 33 ? 0.893   -15.492 -7.941  1.00 34.22 ? 33 TYR A N   1 
ATOM   238 C CA  . TYR A 1 33 ? -0.537  -15.143 -8.041  1.00 36.46 ? 33 TYR A CA  1 
ATOM   239 C C   . TYR A 1 33 ? -1.315  -15.576 -6.813  1.00 37.78 ? 33 TYR A C   1 
ATOM   240 O O   . TYR A 1 33 ? -1.788  -14.761 -5.989  1.00 38.98 ? 33 TYR A O   1 
ATOM   241 C CB  . TYR A 1 33 ? -1.216  -15.760 -9.277  1.00 36.51 ? 33 TYR A CB  1 
ATOM   242 C CG  . TYR A 1 33 ? -0.561  -15.450 -10.584 1.00 37.06 ? 33 TYR A CG  1 
ATOM   243 C CD1 . TYR A 1 33 ? -0.168  -14.146 -10.906 1.00 38.64 ? 33 TYR A CD1 1 
ATOM   244 C CD2 . TYR A 1 33 ? -0.343  -16.456 -11.515 1.00 37.58 ? 33 TYR A CD2 1 
ATOM   245 C CE1 . TYR A 1 33 ? 0.455   -13.855 -12.134 1.00 39.49 ? 33 TYR A CE1 1 
ATOM   246 C CE2 . TYR A 1 33 ? 0.265   -16.190 -12.739 1.00 38.69 ? 33 TYR A CE2 1 
ATOM   247 C CZ  . TYR A 1 33 ? 0.663   -14.888 -13.048 1.00 38.91 ? 33 TYR A CZ  1 
ATOM   248 O OH  . TYR A 1 33 ? 1.263   -14.628 -14.266 1.00 38.51 ? 33 TYR A OH  1 
ATOM   249 O OXT . TYR A 1 33 ? -1.516  -16.790 -6.660  1.00 39.07 ? 33 TYR A OXT 1 
HETATM 250 O O   . HOH B 2 .  ? -0.759  -7.238  -1.720  1.00 26.73 ? 34 HOH A O   1 
HETATM 251 O O   . HOH B 2 .  ? -4.675  -1.417  -1.923  1.00 21.65 ? 35 HOH A O   1 
HETATM 252 O O   . HOH B 2 .  ? -5.000  12.712  6.498   1.00 42.42 ? 36 HOH A O   1 
HETATM 253 O O   . HOH B 2 .  ? -4.886  12.402  3.619   1.00 43.98 ? 37 HOH A O   1 
HETATM 254 O O   . HOH B 2 .  ? -4.078  5.135   -1.215  1.00 38.06 ? 38 HOH A O   1 
HETATM 255 O O   . HOH B 2 .  ? 1.516   -9.350  1.157   1.00 40.41 ? 39 HOH A O   1 
HETATM 256 O O   . HOH B 2 .  ? -2.559  -10.918 -9.275  1.00 40.26 ? 40 HOH A O   1 
HETATM 257 O O   . HOH B 2 .  ? -9.188  -5.716  0.781   1.00 38.80 ? 41 HOH A O   1 
HETATM 258 O O   . HOH B 2 .  ? -9.916  17.110  14.635  1.00 32.30 ? 42 HOH A O   1 
HETATM 259 O O   . HOH B 2 .  ? -6.611  4.733   -0.458  1.00 37.59 ? 43 HOH A O   1 
HETATM 260 O O   . HOH B 2 .  ? 8.524   -9.899  -16.685 1.00 40.48 ? 44 HOH A O   1 
HETATM 261 O O   . HOH B 2 .  ? -10.064 7.854   2.621   1.00 34.55 ? 45 HOH A O   1 
HETATM 262 O O   . HOH B 2 .  ? -8.125  -1.420  6.124   1.00 35.67 ? 46 HOH A O   1 
HETATM 263 O O   . HOH B 2 .  ? -7.650  8.213   3.957   1.00 41.65 ? 47 HOH A O   1 
HETATM 264 O O   . HOH B 2 .  ? -7.272  -5.561  -1.133  1.00 32.37 ? 48 HOH A O   1 
HETATM 265 O O   . HOH B 2 .  ? 2.314   -15.874 -17.717 1.00 45.42 ? 49 HOH A O   1 
HETATM 266 O O   . HOH B 2 .  ? -12.104 0.947   3.788   1.00 31.88 ? 50 HOH A O   1 
HETATM 267 O O   . HOH B 2 .  ? -2.465  -10.619 0.848   1.00 32.87 ? 51 HOH A O   1 
# 
